data_7X7I
#
_entry.id   7X7I
#
_cell.length_a   79.246
_cell.length_b   76.533
_cell.length_c   92.708
_cell.angle_alpha   90.000
_cell.angle_beta   104.389
_cell.angle_gamma   90.000
#
_symmetry.space_group_name_H-M   'P 1 21 1'
#
loop_
_entity.id
_entity.type
_entity.pdbx_description
1 polymer 'FAD dependent enzyme'
2 non-polymer 'FLAVIN-ADENINE DINUCLEOTIDE'
3 water water
#
_entity_poly.entity_id   1
_entity_poly.type   'polypeptide(L)'
_entity_poly.pdbx_seq_one_letter_code
;MGTTYTIFGAGPAGLYTAWRLVTGGKAVAGDTIQLYEWGDYAFDGPGSGTRLPAGRIVTHFCNDDPKQSYIEAGGMRFIE
WDGTKSQGHQLVTLTIQALGLSGKVIDFNTTDNPLLFLREEHIYQNDLATHPAPYNTPGNNEQPAATLFSNISALITGDA
PVSTRTQQCAFYGSGRLPSTFNSFVYPPGSIAGNIGYWNVFYDQAGNEGYEYAADAGGYTSNVINWNAANAAVYNGEFAP
GGAFKTVNGGYSQVFVQLYQQTLAAAQEAGVAFTLTQRTRLHSVWLEDDVVNYRLASAENPFKGGAVQTTQNAFLAMPPA
SLDLVAEATRYADMPEGTLDILNAEGVQLYMDGVIRQPSMRVMLFFDRPWWTDADVPYPPDLTSDGAPNTFGPTITDLPL
RQVYYFGNNSDGTANPVYGVLASYDDMQYVQFWQELEIDVGERRKVPIDQDYQVLFGPRKATDTMIRMVLLELAKVHWGD
PNAAHQIPWPVEAIFNDFSLNPFGAGYHAWAAHYDICDVMQRIRQPTGLVPGATAANLFIIGEAYSNDQAWVEGAFCTAE
SVLVDYYGMTTIADTTNYPLICACPLEHHHHHH
;
_entity_poly.pdbx_strand_id   A,B
#
# COMPACT_ATOMS: atom_id res chain seq x y z
N GLY A 2 35.95 22.15 -19.92
CA GLY A 2 35.37 22.56 -18.59
C GLY A 2 34.76 21.37 -17.88
N THR A 3 34.00 21.62 -16.82
CA THR A 3 33.39 20.58 -15.97
C THR A 3 31.89 20.59 -16.23
N THR A 4 31.34 19.39 -16.42
CA THR A 4 29.90 19.21 -16.66
C THR A 4 29.23 18.63 -15.41
N TYR A 5 28.17 19.29 -14.96
CA TYR A 5 27.30 18.85 -13.85
C TYR A 5 25.96 18.42 -14.44
N THR A 6 25.53 17.20 -14.14
CA THR A 6 24.34 16.59 -14.75
C THR A 6 23.31 16.23 -13.67
N ILE A 7 22.18 16.93 -13.75
CA ILE A 7 21.13 16.86 -12.69
C ILE A 7 19.89 16.22 -13.30
N PHE A 8 19.43 15.15 -12.65
CA PHE A 8 18.24 14.41 -13.07
C PHE A 8 17.10 14.68 -12.09
N GLY A 9 16.14 15.46 -12.54
CA GLY A 9 15.01 15.91 -11.71
C GLY A 9 15.06 17.39 -11.44
N ALA A 10 14.16 18.16 -12.06
CA ALA A 10 14.00 19.60 -11.81
C ALA A 10 12.86 19.82 -10.83
N GLY A 11 12.89 19.06 -9.74
CA GLY A 11 12.12 19.46 -8.56
C GLY A 11 12.92 20.45 -7.72
N PRO A 12 12.40 20.74 -6.51
CA PRO A 12 13.09 21.63 -5.58
C PRO A 12 14.57 21.32 -5.35
N ALA A 13 14.98 20.05 -5.18
CA ALA A 13 16.40 19.72 -4.93
C ALA A 13 17.25 19.97 -6.17
N GLY A 14 16.78 19.53 -7.31
CA GLY A 14 17.58 19.70 -8.55
C GLY A 14 17.73 21.17 -8.90
N LEU A 15 16.65 21.91 -8.85
CA LEU A 15 16.68 23.38 -9.12
C LEU A 15 17.61 24.10 -8.15
N TYR A 16 17.53 23.77 -6.88
CA TYR A 16 18.34 24.43 -5.84
C TYR A 16 19.83 24.15 -6.14
N THR A 17 20.10 22.90 -6.53
CA THR A 17 21.48 22.44 -6.80
C THR A 17 22.04 23.31 -7.95
N ALA A 18 21.31 23.45 -9.03
CA ALA A 18 21.82 24.25 -10.18
C ALA A 18 22.04 25.69 -9.73
N TRP A 19 21.10 26.24 -9.02
CA TRP A 19 21.13 27.65 -8.52
C TRP A 19 22.38 27.86 -7.70
N ARG A 20 22.66 26.97 -6.75
CA ARG A 20 23.85 27.13 -5.89
C ARG A 20 25.14 26.96 -6.71
N LEU A 21 25.18 25.98 -7.63
CA LEU A 21 26.41 25.76 -8.43
C LEU A 21 26.78 27.05 -9.17
N VAL A 22 25.81 27.78 -9.73
CA VAL A 22 26.09 29.01 -10.52
C VAL A 22 26.31 30.14 -9.54
N THR A 23 25.33 30.43 -8.69
CA THR A 23 25.39 31.71 -7.90
C THR A 23 26.49 31.62 -6.84
N GLY A 24 26.87 30.43 -6.38
CA GLY A 24 27.95 30.17 -5.45
C GLY A 24 29.32 30.17 -6.11
N GLY A 25 29.36 30.19 -7.43
CA GLY A 25 30.62 30.35 -8.18
C GLY A 25 31.41 29.05 -8.25
N LYS A 26 30.78 27.90 -8.02
CA LYS A 26 31.45 26.58 -8.24
C LYS A 26 31.55 26.28 -9.72
N ALA A 27 30.44 26.42 -10.47
CA ALA A 27 30.45 26.35 -11.95
C ALA A 27 31.02 27.69 -12.44
N VAL A 28 32.07 27.63 -13.23
CA VAL A 28 32.82 28.82 -13.73
C VAL A 28 32.70 28.90 -15.25
N ALA A 29 33.09 30.04 -15.82
CA ALA A 29 33.09 30.23 -17.29
C ALA A 29 33.62 28.95 -17.96
N GLY A 30 32.89 28.41 -18.91
CA GLY A 30 33.30 27.23 -19.70
C GLY A 30 32.73 25.92 -19.18
N ASP A 31 32.09 25.99 -18.02
CA ASP A 31 31.45 24.80 -17.41
C ASP A 31 30.04 24.64 -18.01
N THR A 32 29.45 23.47 -17.78
CA THR A 32 28.10 23.11 -18.28
C THR A 32 27.28 22.56 -17.12
N ILE A 33 26.03 22.97 -17.04
CA ILE A 33 25.05 22.34 -16.11
C ILE A 33 23.87 21.88 -16.97
N GLN A 34 23.60 20.59 -16.95
CA GLN A 34 22.51 19.99 -17.71
C GLN A 34 21.47 19.48 -16.70
N LEU A 35 20.24 19.92 -16.88
CA LEU A 35 19.10 19.55 -16.01
C LEU A 35 18.09 18.83 -16.89
N TYR A 36 17.68 17.64 -16.47
CA TYR A 36 16.69 16.80 -17.16
C TYR A 36 15.47 16.68 -16.27
N GLU A 37 14.33 16.80 -16.86
CA GLU A 37 13.06 16.65 -16.14
C GLU A 37 12.10 15.83 -16.96
N TRP A 38 11.49 14.80 -16.35
CA TRP A 38 10.51 13.91 -17.02
C TRP A 38 9.26 14.74 -17.39
N GLY A 39 8.78 15.60 -16.50
CA GLY A 39 7.61 16.43 -16.71
C GLY A 39 7.85 17.58 -17.69
N ASP A 40 6.89 18.49 -17.78
CA ASP A 40 6.91 19.66 -18.67
C ASP A 40 6.35 20.85 -17.90
N TYR A 41 7.12 21.37 -16.96
CA TYR A 41 6.65 22.43 -16.06
C TYR A 41 6.79 23.80 -16.75
N ALA A 42 5.90 24.70 -16.39
CA ALA A 42 5.84 26.07 -16.96
C ALA A 42 6.83 26.94 -16.22
N PHE A 43 8.05 27.00 -16.73
CA PHE A 43 9.15 27.83 -16.17
C PHE A 43 9.17 29.22 -16.81
N ASP A 44 8.53 29.38 -17.97
CA ASP A 44 8.66 30.59 -18.80
C ASP A 44 7.30 31.23 -19.04
N GLY A 45 6.39 31.16 -18.08
CA GLY A 45 5.05 31.79 -18.13
C GLY A 45 4.04 30.97 -18.95
N PRO A 46 2.86 31.57 -19.22
CA PRO A 46 1.78 30.89 -19.93
C PRO A 46 2.21 30.27 -21.27
N GLY A 47 1.81 29.02 -21.49
CA GLY A 47 2.14 28.30 -22.74
C GLY A 47 3.47 27.56 -22.67
N SER A 48 4.23 27.63 -21.56
CA SER A 48 5.60 27.06 -21.51
C SER A 48 5.61 25.70 -20.78
N GLY A 49 4.45 25.22 -20.34
CA GLY A 49 4.38 23.89 -19.69
C GLY A 49 2.95 23.56 -19.37
N THR A 50 2.72 22.46 -18.68
CA THR A 50 1.34 21.97 -18.43
C THR A 50 0.88 22.30 -17.02
N ARG A 51 1.79 22.79 -16.17
CA ARG A 51 1.49 23.13 -14.75
C ARG A 51 2.67 23.97 -14.27
N LEU A 52 2.50 24.69 -13.17
CA LEU A 52 3.66 25.41 -12.61
C LEU A 52 4.67 24.43 -12.01
N PRO A 53 5.95 24.81 -11.98
CA PRO A 53 6.97 24.02 -11.33
C PRO A 53 6.72 23.97 -9.83
N ALA A 54 7.28 22.99 -9.09
CA ALA A 54 8.14 21.91 -9.57
C ALA A 54 7.95 20.69 -8.67
N GLY A 55 7.98 19.49 -9.25
CA GLY A 55 7.82 18.26 -8.48
C GLY A 55 6.54 18.33 -7.64
N ARG A 56 6.67 18.07 -6.35
CA ARG A 56 5.49 18.01 -5.46
C ARG A 56 5.08 19.40 -4.90
N ILE A 57 5.65 20.49 -5.39
CA ILE A 57 5.13 21.86 -5.15
C ILE A 57 4.35 22.28 -6.40
N VAL A 58 3.05 22.54 -6.28
CA VAL A 58 2.27 22.98 -7.46
C VAL A 58 1.13 23.90 -6.99
N THR A 59 1.35 25.17 -7.19
CA THR A 59 0.33 26.20 -7.05
C THR A 59 -0.65 26.04 -8.20
N HIS A 60 -1.94 26.03 -7.92
CA HIS A 60 -2.99 25.90 -8.97
C HIS A 60 -3.92 27.10 -8.87
N PHE A 61 -3.92 27.94 -9.94
CA PHE A 61 -4.85 29.08 -10.09
C PHE A 61 -6.14 28.61 -10.74
N CYS A 62 -7.26 28.99 -10.14
CA CYS A 62 -8.59 28.69 -10.70
C CYS A 62 -8.67 29.19 -12.15
N ASN A 63 -9.12 28.33 -13.07
CA ASN A 63 -9.42 28.71 -14.47
C ASN A 63 -8.08 29.01 -15.20
N ASP A 64 -6.93 28.62 -14.65
CA ASP A 64 -5.59 28.97 -15.21
C ASP A 64 -5.44 30.50 -15.35
N ASP A 65 -6.01 31.21 -14.39
CA ASP A 65 -6.06 32.69 -14.40
C ASP A 65 -5.11 33.18 -13.32
N PRO A 66 -3.93 33.73 -13.68
CA PRO A 66 -2.96 34.12 -12.67
C PRO A 66 -3.40 35.27 -11.75
N LYS A 67 -4.57 35.88 -12.03
CA LYS A 67 -5.17 36.95 -11.19
C LYS A 67 -6.27 36.39 -10.28
N GLN A 68 -6.57 35.09 -10.41
CA GLN A 68 -7.68 34.49 -9.65
C GLN A 68 -7.09 33.91 -8.35
N SER A 69 -7.97 33.53 -7.46
CA SER A 69 -7.63 32.70 -6.28
C SER A 69 -6.93 31.44 -6.76
N TYR A 70 -6.15 30.88 -5.84
CA TYR A 70 -5.30 29.67 -6.08
C TYR A 70 -5.37 28.81 -4.85
N ILE A 71 -5.11 27.53 -5.04
CA ILE A 71 -4.93 26.61 -3.89
C ILE A 71 -3.58 25.93 -4.15
N GLU A 72 -2.82 25.67 -3.09
CA GLU A 72 -1.59 24.90 -3.25
C GLU A 72 -2.03 23.47 -3.36
N ALA A 73 -1.66 22.86 -4.48
CA ALA A 73 -2.13 21.50 -4.86
C ALA A 73 -1.03 20.49 -4.50
N GLY A 74 0.09 20.97 -3.96
CA GLY A 74 1.22 20.25 -3.37
C GLY A 74 1.59 20.91 -2.09
N GLY A 75 2.87 21.03 -1.82
CA GLY A 75 3.34 21.64 -0.57
C GLY A 75 2.85 23.07 -0.41
N MET A 76 2.51 23.53 0.80
CA MET A 76 1.78 24.82 0.97
C MET A 76 2.42 25.82 1.94
N ARG A 77 3.23 25.43 2.90
CA ARG A 77 3.70 26.43 3.91
C ARG A 77 5.18 26.17 4.20
N PHE A 78 5.81 27.06 4.96
CA PHE A 78 7.16 26.80 5.49
C PHE A 78 7.25 27.47 6.84
N ILE A 79 8.28 27.18 7.58
CA ILE A 79 8.53 27.82 8.90
C ILE A 79 9.64 28.82 8.68
N GLU A 80 9.36 30.08 9.01
CA GLU A 80 10.38 31.12 8.80
C GLU A 80 11.56 30.91 9.75
N TRP A 81 12.77 31.08 9.22
CA TRP A 81 14.00 31.00 10.04
C TRP A 81 14.01 32.15 11.06
N ASP A 82 14.20 31.77 12.31
CA ASP A 82 14.45 32.73 13.42
C ASP A 82 15.90 32.49 13.83
N GLY A 83 16.81 33.34 13.36
CA GLY A 83 18.23 33.14 13.66
C GLY A 83 18.54 33.45 15.11
N THR A 84 17.65 34.12 15.83
CA THR A 84 17.86 34.47 17.25
C THR A 84 17.76 33.20 18.06
N LYS A 85 16.65 32.45 17.93
CA LYS A 85 16.43 31.14 18.59
C LYS A 85 17.07 30.00 17.76
N SER A 86 17.43 30.24 16.50
CA SER A 86 17.99 29.17 15.62
C SER A 86 16.92 28.09 15.41
N GLN A 87 15.73 28.50 14.96
CA GLN A 87 14.63 27.52 14.72
C GLN A 87 13.96 27.88 13.39
N GLY A 88 13.56 26.86 12.64
CA GLY A 88 12.78 27.02 11.40
C GLY A 88 13.52 26.59 10.15
N HIS A 89 12.99 26.96 8.98
CA HIS A 89 13.49 26.43 7.69
C HIS A 89 14.56 27.38 7.15
N GLN A 90 15.80 27.18 7.55
CA GLN A 90 16.88 28.17 7.29
C GLN A 90 17.11 28.35 5.79
N LEU A 91 17.31 27.25 5.06
CA LEU A 91 17.70 27.42 3.65
C LEU A 91 16.51 27.91 2.86
N VAL A 92 15.30 27.48 3.15
CA VAL A 92 14.13 28.04 2.43
C VAL A 92 14.03 29.56 2.66
N THR A 93 14.19 30.00 3.90
CA THR A 93 14.08 31.45 4.23
C THR A 93 15.20 32.23 3.51
N LEU A 94 16.45 31.77 3.58
CA LEU A 94 17.60 32.44 2.87
C LEU A 94 17.32 32.48 1.37
N THR A 95 16.83 31.39 0.78
CA THR A 95 16.59 31.26 -0.65
C THR A 95 15.52 32.25 -1.10
N ILE A 96 14.39 32.29 -0.41
CA ILE A 96 13.30 33.25 -0.72
C ILE A 96 13.86 34.68 -0.65
N GLN A 97 14.70 35.00 0.35
CA GLN A 97 15.29 36.35 0.45
C GLN A 97 16.20 36.58 -0.74
N ALA A 98 17.08 35.65 -1.04
CA ALA A 98 18.06 35.83 -2.12
C ALA A 98 17.37 35.99 -3.47
N LEU A 99 16.21 35.37 -3.67
CA LEU A 99 15.49 35.38 -4.97
C LEU A 99 14.63 36.64 -5.09
N GLY A 100 14.58 37.43 -4.02
CA GLY A 100 13.83 38.70 -4.02
C GLY A 100 12.34 38.48 -3.81
N LEU A 101 11.99 37.44 -3.08
CA LEU A 101 10.60 37.04 -2.84
C LEU A 101 10.17 37.27 -1.40
N SER A 102 10.98 37.88 -0.53
CA SER A 102 10.64 38.01 0.89
C SER A 102 9.40 38.91 1.08
N GLY A 103 9.15 39.82 0.15
CA GLY A 103 7.95 40.70 0.22
C GLY A 103 6.64 39.97 0.04
N LYS A 104 6.68 38.70 -0.37
CA LYS A 104 5.48 37.89 -0.66
C LYS A 104 5.19 36.97 0.54
N VAL A 105 6.03 37.02 1.54
CA VAL A 105 5.86 36.03 2.66
C VAL A 105 4.76 36.55 3.58
N ILE A 106 3.77 35.68 3.85
CA ILE A 106 2.55 36.04 4.64
C ILE A 106 2.41 35.02 5.76
N ASP A 107 1.83 35.39 6.91
CA ASP A 107 1.46 34.33 7.90
C ASP A 107 0.54 33.27 7.28
N PHE A 108 0.76 32.02 7.67
CA PHE A 108 -0.19 30.91 7.46
C PHE A 108 -0.74 30.54 8.83
N ASN A 109 -1.83 31.16 9.22
CA ASN A 109 -2.33 31.01 10.62
C ASN A 109 -3.31 29.85 10.66
N THR A 110 -3.29 29.10 11.74
CA THR A 110 -4.30 28.02 11.94
C THR A 110 -5.16 28.36 13.16
N THR A 111 -6.39 27.85 13.15
CA THR A 111 -7.34 28.08 14.25
C THR A 111 -6.80 27.34 15.50
N ASP A 112 -7.00 27.95 16.66
CA ASP A 112 -6.74 27.32 17.97
C ASP A 112 -7.99 26.58 18.43
N ASN A 113 -9.08 26.67 17.67
CA ASN A 113 -10.39 26.03 18.01
C ASN A 113 -10.92 25.27 16.77
N PRO A 114 -10.17 24.25 16.29
CA PRO A 114 -10.67 23.49 15.15
C PRO A 114 -11.97 22.74 15.49
N LEU A 115 -12.86 22.68 14.51
CA LEU A 115 -14.05 21.80 14.54
C LEU A 115 -13.56 20.35 14.34
N LEU A 116 -14.01 19.48 15.24
CA LEU A 116 -13.69 18.05 15.18
C LEU A 116 -14.97 17.34 14.81
N PHE A 117 -14.95 16.51 13.77
CA PHE A 117 -16.10 15.68 13.45
C PHE A 117 -15.67 14.23 13.62
N LEU A 118 -16.14 13.58 14.69
CA LEU A 118 -15.57 12.29 15.14
C LEU A 118 -16.72 11.38 15.50
N ARG A 119 -16.82 10.22 14.89
CA ARG A 119 -17.87 9.23 15.19
C ARG A 119 -19.25 9.90 15.26
N GLU A 120 -19.52 10.75 14.26
CA GLU A 120 -20.82 11.42 14.01
C GLU A 120 -21.09 12.47 15.09
N GLU A 121 -20.11 12.83 15.91
CA GLU A 121 -20.23 13.94 16.89
C GLU A 121 -19.52 15.19 16.36
N HIS A 122 -20.08 16.38 16.61
CA HIS A 122 -19.45 17.68 16.26
C HIS A 122 -18.98 18.30 17.56
N ILE A 123 -17.70 18.54 17.68
CA ILE A 123 -17.06 19.08 18.90
C ILE A 123 -16.06 20.12 18.47
N TYR A 124 -16.26 21.39 18.84
CA TYR A 124 -15.16 22.37 18.69
C TYR A 124 -14.11 22.00 19.73
N GLN A 125 -12.84 22.01 19.37
CA GLN A 125 -11.79 21.45 20.25
C GLN A 125 -11.82 22.13 21.64
N ASN A 126 -12.16 23.41 21.69
CA ASN A 126 -12.23 24.16 22.98
C ASN A 126 -13.26 23.52 23.90
N ASP A 127 -14.18 22.72 23.39
CA ASP A 127 -15.33 22.20 24.18
C ASP A 127 -15.14 20.75 24.62
N LEU A 128 -13.95 20.18 24.49
CA LEU A 128 -13.72 18.75 24.84
C LEU A 128 -13.95 18.53 26.35
N ALA A 129 -13.77 19.54 27.20
CA ALA A 129 -14.11 19.34 28.64
C ALA A 129 -15.63 19.13 28.78
N THR A 130 -16.43 19.77 27.92
CA THR A 130 -17.92 19.71 27.98
C THR A 130 -18.36 18.39 27.36
N HIS A 131 -17.82 18.09 26.19
CA HIS A 131 -18.27 17.03 25.26
C HIS A 131 -17.01 16.23 24.93
N PRO A 132 -16.65 15.25 25.78
CA PRO A 132 -15.47 14.44 25.53
C PRO A 132 -15.55 13.77 24.16
N ALA A 133 -14.40 13.61 23.51
CA ALA A 133 -14.33 12.84 22.27
C ALA A 133 -14.86 11.44 22.53
N PRO A 134 -15.62 10.92 21.53
CA PRO A 134 -16.28 9.63 21.58
C PRO A 134 -15.35 8.44 21.36
N TYR A 135 -14.28 8.43 22.15
CA TYR A 135 -13.24 7.37 22.19
C TYR A 135 -13.11 6.90 23.63
N ASN A 136 -13.05 5.59 23.82
CA ASN A 136 -12.95 5.00 25.18
C ASN A 136 -11.47 5.06 25.60
N THR A 137 -10.98 6.26 25.87
CA THR A 137 -9.59 6.58 26.33
C THR A 137 -9.73 7.59 27.46
N PRO A 138 -10.03 7.08 28.68
CA PRO A 138 -10.18 7.92 29.86
C PRO A 138 -9.14 9.03 30.03
N GLY A 139 -9.62 10.24 30.31
CA GLY A 139 -8.81 11.45 30.51
C GLY A 139 -8.35 12.03 29.19
N ASN A 140 -7.76 11.18 28.33
CA ASN A 140 -7.23 11.72 27.06
C ASN A 140 -8.39 12.39 26.30
N ASN A 141 -9.61 11.86 26.42
CA ASN A 141 -10.73 12.25 25.52
C ASN A 141 -11.29 13.63 25.93
N GLU A 142 -10.79 14.22 27.00
CA GLU A 142 -11.25 15.55 27.48
C GLU A 142 -10.27 16.66 27.14
N GLN A 143 -9.20 16.35 26.41
CA GLN A 143 -8.07 17.26 26.15
C GLN A 143 -7.73 17.11 24.69
N PRO A 144 -7.12 18.12 24.07
CA PRO A 144 -6.76 17.99 22.68
C PRO A 144 -5.81 16.81 22.50
N ALA A 145 -5.86 16.26 21.31
CA ALA A 145 -5.02 15.12 20.96
C ALA A 145 -3.55 15.49 21.16
N ALA A 146 -3.16 16.75 20.95
CA ALA A 146 -1.76 17.20 21.14
C ALA A 146 -1.26 16.80 22.53
N THR A 147 -2.10 16.87 23.56
CA THR A 147 -1.67 16.51 24.93
C THR A 147 -1.25 15.03 25.00
N LEU A 148 -2.03 14.17 24.37
CA LEU A 148 -1.75 12.72 24.31
C LEU A 148 -0.45 12.54 23.53
N PHE A 149 -0.32 13.19 22.38
CA PHE A 149 0.96 13.10 21.61
C PHE A 149 2.13 13.49 22.51
N SER A 150 2.03 14.59 23.26
CA SER A 150 3.13 15.06 24.15
C SER A 150 3.41 14.03 25.24
N ASN A 151 2.37 13.46 25.82
CA ASN A 151 2.55 12.47 26.91
C ASN A 151 3.22 11.22 26.36
N ILE A 152 2.82 10.73 25.19
CA ILE A 152 3.50 9.55 24.62
C ILE A 152 4.96 9.89 24.33
N SER A 153 5.24 11.03 23.72
CA SER A 153 6.63 11.41 23.43
C SER A 153 7.47 11.38 24.71
N ALA A 154 6.94 11.92 25.81
CA ALA A 154 7.66 11.96 27.08
C ALA A 154 7.87 10.55 27.62
N LEU A 155 6.95 9.61 27.39
CA LEU A 155 7.14 8.21 27.85
C LEU A 155 8.31 7.59 27.08
N ILE A 156 8.52 8.00 25.84
CA ILE A 156 9.59 7.41 25.00
C ILE A 156 10.91 8.09 25.30
N THR A 157 10.95 9.43 25.43
CA THR A 157 12.23 10.16 25.55
C THR A 157 12.73 10.17 26.99
N GLY A 158 11.86 10.04 27.99
CA GLY A 158 12.37 10.09 29.38
C GLY A 158 13.03 11.43 29.71
N ASP A 159 14.24 11.34 30.27
CA ASP A 159 15.13 12.45 30.70
C ASP A 159 16.06 12.89 29.56
N ALA A 160 16.06 12.22 28.41
CA ALA A 160 16.99 12.56 27.31
C ALA A 160 16.74 13.98 26.80
N PRO A 161 17.81 14.78 26.60
CA PRO A 161 17.68 16.07 25.94
C PRO A 161 17.28 15.83 24.49
N VAL A 162 16.19 16.44 24.09
CA VAL A 162 15.63 16.30 22.72
C VAL A 162 15.17 17.67 22.25
N SER A 163 15.84 18.71 22.80
CA SER A 163 15.54 20.15 22.60
C SER A 163 16.07 20.62 21.24
N THR A 164 17.31 20.29 20.91
CA THR A 164 17.99 20.89 19.75
C THR A 164 17.97 19.89 18.59
N ARG A 165 18.22 20.41 17.42
CA ARG A 165 18.35 19.59 16.20
C ARG A 165 19.47 18.58 16.42
N THR A 166 20.63 18.98 16.96
CA THR A 166 21.77 18.08 17.24
C THR A 166 21.36 17.00 18.25
N GLN A 167 20.68 17.35 19.36
CA GLN A 167 20.31 16.32 20.37
C GLN A 167 19.26 15.36 19.79
N GLN A 168 18.41 15.86 18.91
CA GLN A 168 17.33 15.03 18.29
C GLN A 168 18.05 14.04 17.40
N CYS A 169 18.95 14.51 16.56
CA CYS A 169 19.78 13.64 15.71
C CYS A 169 20.44 12.56 16.57
N ALA A 170 21.05 12.93 17.70
CA ALA A 170 21.73 11.91 18.55
C ALA A 170 20.71 10.93 19.11
N PHE A 171 19.50 11.37 19.40
CA PHE A 171 18.46 10.47 19.94
C PHE A 171 18.08 9.43 18.88
N TYR A 172 18.07 9.82 17.61
CA TYR A 172 17.75 8.82 16.58
C TYR A 172 18.62 7.57 16.72
N GLY A 173 19.93 7.75 16.96
CA GLY A 173 20.90 6.63 16.93
C GLY A 173 21.07 5.95 18.29
N SER A 174 20.99 6.67 19.40
CA SER A 174 21.33 6.12 20.74
C SER A 174 20.15 6.17 21.69
N GLY A 175 19.08 6.88 21.35
CA GLY A 175 17.96 7.05 22.26
C GLY A 175 17.41 5.72 22.68
N ARG A 176 17.16 5.56 23.98
CA ARG A 176 16.58 4.35 24.56
C ARG A 176 15.34 4.68 25.38
N LEU A 177 14.39 3.75 25.44
CA LEU A 177 13.23 3.89 26.33
C LEU A 177 13.78 4.02 27.75
N PRO A 178 13.19 4.88 28.61
CA PRO A 178 13.70 5.01 29.98
C PRO A 178 13.54 3.75 30.82
N SER A 179 14.30 3.70 31.91
CA SER A 179 14.26 2.60 32.90
C SER A 179 12.86 2.41 33.46
N THR A 180 12.06 3.47 33.48
CA THR A 180 10.66 3.50 33.95
C THR A 180 9.66 3.12 32.87
N PHE A 181 10.08 2.69 31.68
CA PHE A 181 9.11 2.35 30.62
C PHE A 181 8.27 1.16 31.11
N ASN A 182 6.96 1.27 30.98
CA ASN A 182 6.03 0.27 31.58
C ASN A 182 5.30 -0.39 30.43
N SER A 183 5.78 -1.57 30.04
CA SER A 183 5.23 -2.23 28.83
C SER A 183 5.38 -3.75 28.95
N PHE A 184 4.37 -4.48 28.50
CA PHE A 184 4.50 -5.94 28.29
C PHE A 184 5.36 -6.20 27.05
N VAL A 185 5.36 -5.26 26.11
CA VAL A 185 5.91 -5.51 24.75
C VAL A 185 7.38 -5.08 24.69
N TYR A 186 7.71 -3.90 25.21
CA TYR A 186 9.03 -3.27 25.01
C TYR A 186 9.78 -3.12 26.33
N PRO A 187 10.96 -3.76 26.44
CA PRO A 187 11.74 -3.68 27.67
C PRO A 187 12.25 -2.27 27.88
N PRO A 188 12.39 -1.84 29.14
CA PRO A 188 13.09 -0.60 29.44
C PRO A 188 14.49 -0.68 28.81
N GLY A 189 14.97 0.44 28.30
CA GLY A 189 16.31 0.54 27.68
C GLY A 189 16.34 0.11 26.21
N SER A 190 15.21 -0.30 25.63
CA SER A 190 15.16 -0.67 24.19
C SER A 190 15.60 0.52 23.34
N ILE A 191 16.23 0.23 22.22
CA ILE A 191 16.63 1.24 21.21
C ILE A 191 15.37 1.77 20.52
N ALA A 192 15.07 3.05 20.74
CA ALA A 192 13.81 3.65 20.23
C ALA A 192 13.77 3.60 18.71
N GLY A 193 14.94 3.67 18.07
CA GLY A 193 15.04 3.67 16.59
C GLY A 193 14.70 2.29 16.01
N ASN A 194 14.57 1.27 16.84
CA ASN A 194 14.17 -0.09 16.39
C ASN A 194 12.70 -0.39 16.72
N ILE A 195 11.93 0.65 17.06
CA ILE A 195 10.51 0.53 17.46
C ILE A 195 9.68 1.32 16.45
N GLY A 196 8.55 0.74 16.05
CA GLY A 196 7.56 1.47 15.24
C GLY A 196 6.73 2.40 16.12
N TYR A 197 6.59 3.66 15.71
CA TYR A 197 5.85 4.68 16.50
C TYR A 197 4.42 4.25 16.79
N TRP A 198 3.69 3.79 15.77
CA TRP A 198 2.32 3.29 15.97
C TRP A 198 2.32 2.10 16.91
N ASN A 199 3.18 1.11 16.65
CA ASN A 199 3.32 -0.04 17.57
C ASN A 199 3.39 0.41 19.03
N VAL A 200 4.27 1.33 19.37
CA VAL A 200 4.49 1.71 20.78
C VAL A 200 3.39 2.67 21.24
N PHE A 201 2.86 3.55 20.35
CA PHE A 201 1.73 4.42 20.74
C PHE A 201 0.56 3.52 21.13
N TYR A 202 0.33 2.46 20.35
CA TYR A 202 -0.77 1.49 20.57
C TYR A 202 -0.50 0.72 21.86
N ASP A 203 0.75 0.34 22.10
CA ASP A 203 1.08 -0.39 23.35
C ASP A 203 0.76 0.50 24.56
N GLN A 204 1.13 1.76 24.50
CA GLN A 204 1.02 2.64 25.68
C GLN A 204 -0.39 3.20 25.85
N ALA A 205 -1.11 3.48 24.76
CA ALA A 205 -2.38 4.26 24.84
C ALA A 205 -3.58 3.41 24.44
N GLY A 206 -3.38 2.16 24.02
CA GLY A 206 -4.47 1.29 23.56
C GLY A 206 -5.00 1.72 22.20
N ASN A 207 -5.85 0.89 21.59
CA ASN A 207 -6.37 1.19 20.24
C ASN A 207 -7.20 2.48 20.32
N GLU A 208 -7.98 2.72 21.37
CA GLU A 208 -8.82 3.93 21.40
C GLU A 208 -7.99 5.19 21.57
N GLY A 209 -6.88 5.13 22.31
CA GLY A 209 -6.00 6.30 22.41
C GLY A 209 -5.31 6.56 21.09
N TYR A 210 -4.87 5.50 20.45
CA TYR A 210 -4.22 5.66 19.11
C TYR A 210 -5.23 6.27 18.14
N GLU A 211 -6.43 5.71 18.07
CA GLU A 211 -7.44 6.17 17.07
C GLU A 211 -7.75 7.65 17.34
N TYR A 212 -7.88 8.02 18.59
CA TYR A 212 -8.19 9.44 18.92
C TYR A 212 -7.06 10.34 18.40
N ALA A 213 -5.83 9.97 18.65
CA ALA A 213 -4.65 10.77 18.20
C ALA A 213 -4.64 10.81 16.67
N ALA A 214 -4.89 9.68 16.03
CA ALA A 214 -4.80 9.58 14.54
C ALA A 214 -5.92 10.40 13.91
N ASP A 215 -7.10 10.41 14.53
CA ASP A 215 -8.29 11.09 13.97
C ASP A 215 -8.32 12.57 14.32
N ALA A 216 -7.89 12.96 15.51
CA ALA A 216 -8.13 14.32 16.03
C ALA A 216 -6.85 15.14 16.09
N GLY A 217 -5.70 14.57 15.76
CA GLY A 217 -4.42 15.30 15.85
C GLY A 217 -4.34 16.41 14.83
N GLY A 218 -4.79 16.16 13.62
CA GLY A 218 -4.68 17.06 12.48
C GLY A 218 -3.33 17.73 12.34
N TYR A 219 -3.37 18.97 11.84
CA TYR A 219 -2.21 19.88 11.66
C TYR A 219 -1.09 19.07 10.98
N THR A 220 0.06 18.91 11.64
CA THR A 220 1.25 18.19 11.11
C THR A 220 1.49 16.92 11.93
N SER A 221 0.54 16.49 12.77
CA SER A 221 0.74 15.27 13.60
C SER A 221 0.85 14.07 12.66
N ASN A 222 1.62 13.06 13.06
CA ASN A 222 2.06 11.93 12.20
C ASN A 222 2.14 10.63 13.02
N VAL A 223 1.10 9.80 12.90
CA VAL A 223 0.80 8.55 13.66
C VAL A 223 1.17 7.29 12.84
N ILE A 224 1.79 7.45 11.70
CA ILE A 224 2.15 6.25 10.91
C ILE A 224 3.24 5.47 11.66
N ASN A 225 3.50 4.24 11.23
CA ASN A 225 4.41 3.35 12.01
C ASN A 225 5.86 3.63 11.61
N TRP A 226 6.28 4.84 11.77
CA TRP A 226 7.67 5.24 11.43
C TRP A 226 8.59 5.11 12.64
N ASN A 227 9.83 5.49 12.46
CA ASN A 227 10.88 5.32 13.46
C ASN A 227 10.44 6.00 14.77
N ALA A 228 10.35 5.24 15.86
CA ALA A 228 9.77 5.83 17.08
C ALA A 228 10.73 6.83 17.70
N ALA A 229 12.02 6.72 17.51
CA ALA A 229 12.95 7.73 18.07
C ALA A 229 12.71 9.07 17.36
N ASN A 230 12.65 9.09 16.04
CA ASN A 230 12.41 10.35 15.32
C ASN A 230 10.96 10.81 15.60
N ALA A 231 9.95 9.93 15.62
CA ALA A 231 8.54 10.31 15.83
C ALA A 231 8.39 10.94 17.23
N ALA A 232 9.04 10.38 18.25
CA ALA A 232 8.88 10.91 19.62
C ALA A 232 9.38 12.34 19.69
N VAL A 233 10.52 12.62 19.05
CA VAL A 233 11.13 13.98 19.15
C VAL A 233 10.40 14.94 18.20
N TYR A 234 9.74 14.50 17.13
CA TYR A 234 9.02 15.37 16.16
C TYR A 234 7.55 15.56 16.57
N ASN A 235 6.99 14.75 17.47
CA ASN A 235 5.56 14.84 17.86
C ASN A 235 5.43 15.35 19.30
N GLY A 236 6.54 15.58 19.99
CA GLY A 236 6.52 15.84 21.44
C GLY A 236 6.47 17.32 21.78
N GLU A 237 6.56 17.62 23.07
CA GLU A 237 6.68 19.00 23.61
C GLU A 237 7.68 19.78 22.77
N PHE A 238 8.90 19.21 22.72
CA PHE A 238 10.17 19.72 22.15
C PHE A 238 10.18 19.67 20.62
N ALA A 239 9.05 19.41 19.95
CA ALA A 239 9.05 19.25 18.47
C ALA A 239 9.53 20.54 17.80
N PRO A 240 10.20 20.44 16.63
CA PRO A 240 10.66 21.61 15.89
C PRO A 240 9.48 22.57 15.67
N GLY A 241 9.69 23.85 15.91
CA GLY A 241 8.62 24.83 15.73
C GLY A 241 9.13 26.09 15.06
N GLY A 242 8.41 27.18 15.32
CA GLY A 242 8.60 28.48 14.70
C GLY A 242 7.32 28.90 14.00
N ALA A 243 7.33 30.09 13.39
CA ALA A 243 6.18 30.76 12.74
C ALA A 243 5.92 30.17 11.35
N PHE A 244 4.71 29.66 11.10
CA PHE A 244 4.27 29.17 9.75
C PHE A 244 3.92 30.32 8.83
N LYS A 245 4.45 30.27 7.61
CA LYS A 245 4.27 31.29 6.56
C LYS A 245 3.87 30.59 5.28
N THR A 246 3.38 31.34 4.29
CA THR A 246 3.34 30.87 2.90
C THR A 246 3.82 32.04 2.05
N VAL A 247 3.93 31.73 0.79
CA VAL A 247 4.37 32.68 -0.27
C VAL A 247 3.09 33.11 -0.98
N ASN A 248 2.69 34.37 -0.78
CA ASN A 248 1.48 34.88 -1.47
C ASN A 248 1.70 34.89 -2.97
N GLY A 249 0.71 34.38 -3.70
CA GLY A 249 0.82 34.13 -5.13
C GLY A 249 1.34 32.76 -5.44
N GLY A 250 1.68 31.98 -4.42
CA GLY A 250 2.06 30.58 -4.68
C GLY A 250 3.49 30.29 -4.32
N TYR A 251 3.71 29.10 -3.77
CA TYR A 251 5.03 28.54 -3.49
C TYR A 251 5.76 28.24 -4.81
N SER A 252 5.02 27.98 -5.88
CA SER A 252 5.60 27.62 -7.20
C SER A 252 6.53 28.73 -7.70
N GLN A 253 6.28 29.99 -7.33
CA GLN A 253 7.11 31.09 -7.87
C GLN A 253 8.54 30.94 -7.36
N VAL A 254 8.75 30.31 -6.20
CA VAL A 254 10.14 30.03 -5.75
C VAL A 254 10.92 29.27 -6.86
N PHE A 255 10.29 28.26 -7.44
CA PHE A 255 10.90 27.30 -8.38
C PHE A 255 10.98 27.95 -9.76
N VAL A 256 9.98 28.73 -10.15
CA VAL A 256 10.10 29.56 -11.37
C VAL A 256 11.34 30.44 -11.21
N GLN A 257 11.46 31.14 -10.07
CA GLN A 257 12.59 32.08 -9.84
C GLN A 257 13.92 31.34 -9.75
N LEU A 258 14.01 30.21 -9.08
CA LEU A 258 15.27 29.44 -9.11
C LEU A 258 15.71 29.23 -10.56
N TYR A 259 14.79 28.78 -11.43
CA TYR A 259 15.19 28.46 -12.81
C TYR A 259 15.59 29.77 -13.48
N GLN A 260 14.75 30.79 -13.43
CA GLN A 260 14.99 32.00 -14.29
C GLN A 260 16.28 32.66 -13.81
N GLN A 261 16.46 32.78 -12.50
CA GLN A 261 17.67 33.48 -11.99
C GLN A 261 18.94 32.64 -12.14
N THR A 262 18.86 31.30 -12.09
CA THR A 262 20.02 30.47 -12.45
C THR A 262 20.41 30.75 -13.91
N LEU A 263 19.44 30.76 -14.81
CA LEU A 263 19.73 30.94 -16.26
C LEU A 263 20.38 32.31 -16.44
N ALA A 264 19.85 33.35 -15.81
CA ALA A 264 20.43 34.71 -16.06
C ALA A 264 21.84 34.76 -15.48
N ALA A 265 22.05 34.16 -14.31
CA ALA A 265 23.38 34.17 -13.66
C ALA A 265 24.36 33.33 -14.47
N ALA A 266 23.90 32.24 -15.08
CA ALA A 266 24.74 31.37 -15.92
C ALA A 266 25.14 32.14 -17.18
N GLN A 267 24.22 32.88 -17.78
CA GLN A 267 24.56 33.67 -18.99
C GLN A 267 25.62 34.71 -18.62
N GLU A 268 25.49 35.39 -17.48
CA GLU A 268 26.46 36.43 -17.07
C GLU A 268 27.83 35.80 -16.78
N ALA A 269 27.85 34.57 -16.27
CA ALA A 269 29.05 33.87 -15.77
C ALA A 269 29.78 33.09 -16.89
N GLY A 270 29.10 32.90 -18.01
CA GLY A 270 29.60 32.07 -19.12
C GLY A 270 29.48 30.58 -18.83
N VAL A 271 28.54 30.22 -17.95
CA VAL A 271 28.17 28.78 -17.73
C VAL A 271 27.03 28.37 -18.69
N ALA A 272 27.15 27.23 -19.38
CA ALA A 272 26.09 26.72 -20.24
C ALA A 272 25.11 25.98 -19.32
N PHE A 273 23.92 26.51 -19.17
CA PHE A 273 22.86 25.94 -18.32
C PHE A 273 21.69 25.62 -19.22
N THR A 274 21.36 24.33 -19.32
CA THR A 274 20.24 23.86 -20.16
C THR A 274 19.28 23.04 -19.33
N LEU A 275 18.01 23.35 -19.44
CA LEU A 275 16.90 22.49 -18.92
C LEU A 275 16.27 21.77 -20.09
N THR A 276 16.30 20.44 -20.06
CA THR A 276 15.72 19.56 -21.08
C THR A 276 14.54 18.83 -20.42
N GLN A 277 13.34 19.27 -20.75
CA GLN A 277 12.10 18.71 -20.19
C GLN A 277 11.56 17.57 -21.08
N ARG A 278 10.49 16.95 -20.63
CA ARG A 278 9.87 15.77 -21.31
C ARG A 278 10.95 14.71 -21.57
N THR A 279 11.93 14.60 -20.68
CA THR A 279 13.13 13.76 -20.88
C THR A 279 13.57 13.22 -19.53
N ARG A 280 13.53 11.92 -19.38
CA ARG A 280 13.76 11.30 -18.07
C ARG A 280 15.06 10.50 -18.10
N LEU A 281 15.71 10.42 -16.96
CA LEU A 281 16.73 9.38 -16.69
C LEU A 281 16.08 8.01 -16.82
N HIS A 282 16.60 7.13 -17.69
CA HIS A 282 16.07 5.78 -17.92
C HIS A 282 16.81 4.74 -17.10
N SER A 283 18.13 4.84 -17.14
CA SER A 283 19.01 3.87 -16.47
C SER A 283 20.35 4.54 -16.18
N VAL A 284 20.95 4.11 -15.09
CA VAL A 284 22.25 4.68 -14.63
C VAL A 284 23.12 3.56 -14.07
N TRP A 285 24.43 3.69 -14.27
CA TRP A 285 25.39 2.71 -13.71
C TRP A 285 26.77 3.37 -13.77
N LEU A 286 27.74 2.71 -13.19
CA LEU A 286 29.10 3.27 -13.04
C LEU A 286 30.11 2.39 -13.78
N GLU A 287 31.11 3.03 -14.35
CA GLU A 287 32.35 2.35 -14.78
C GLU A 287 33.48 3.10 -14.10
N ASP A 288 34.04 2.50 -13.05
CA ASP A 288 34.98 3.23 -12.16
C ASP A 288 34.26 4.51 -11.68
N ASP A 289 34.84 5.69 -11.91
CA ASP A 289 34.25 6.98 -11.47
C ASP A 289 33.25 7.54 -12.49
N VAL A 290 33.09 6.91 -13.64
CA VAL A 290 32.30 7.48 -14.77
C VAL A 290 30.85 7.06 -14.65
N VAL A 291 29.98 8.07 -14.58
CA VAL A 291 28.52 7.80 -14.55
C VAL A 291 28.03 7.53 -15.98
N ASN A 292 27.56 6.32 -16.25
CA ASN A 292 26.94 5.93 -17.53
C ASN A 292 25.43 6.07 -17.38
N TYR A 293 24.75 6.60 -18.37
CA TYR A 293 23.28 6.70 -18.28
C TYR A 293 22.65 6.66 -19.66
N ARG A 294 21.36 6.42 -19.68
CA ARG A 294 20.48 6.54 -20.87
C ARG A 294 19.32 7.45 -20.48
N LEU A 295 18.80 8.18 -21.46
CA LEU A 295 17.59 9.03 -21.34
C LEU A 295 16.46 8.34 -22.10
N ALA A 296 15.23 8.66 -21.70
CA ALA A 296 14.01 8.23 -22.42
C ALA A 296 13.14 9.45 -22.61
N SER A 297 12.39 9.53 -23.72
CA SER A 297 11.39 10.57 -23.91
C SER A 297 10.20 10.31 -23.01
N ALA A 298 9.53 11.38 -22.60
CA ALA A 298 8.24 11.20 -21.90
C ALA A 298 7.25 10.40 -22.74
N GLU A 299 7.34 10.47 -24.08
CA GLU A 299 6.37 9.77 -24.96
C GLU A 299 6.63 8.25 -24.85
N ASN A 300 7.88 7.86 -24.69
CA ASN A 300 8.30 6.43 -24.68
C ASN A 300 9.23 6.24 -23.48
N PRO A 301 8.68 6.34 -22.26
CA PRO A 301 9.52 6.47 -21.05
C PRO A 301 10.33 5.22 -20.71
N PHE A 302 10.03 4.05 -21.26
CA PHE A 302 10.74 2.79 -20.90
C PHE A 302 11.88 2.40 -21.87
N LYS A 303 12.07 3.17 -22.94
CA LYS A 303 13.08 2.87 -23.98
C LYS A 303 14.21 3.91 -23.97
N GLY A 304 15.40 3.43 -23.64
CA GLY A 304 16.61 4.26 -23.55
C GLY A 304 17.17 4.59 -24.90
N GLY A 305 17.90 5.67 -24.97
CA GLY A 305 18.69 5.98 -26.16
C GLY A 305 20.14 5.58 -26.01
N ALA A 306 21.02 6.28 -26.72
CA ALA A 306 22.48 6.00 -26.68
C ALA A 306 23.00 6.20 -25.24
N VAL A 307 24.00 5.43 -24.90
CA VAL A 307 24.71 5.54 -23.60
C VAL A 307 25.48 6.83 -23.57
N GLN A 308 25.26 7.58 -22.50
CA GLN A 308 25.89 8.86 -22.24
C GLN A 308 26.78 8.75 -20.99
N THR A 309 27.83 9.57 -20.89
CA THR A 309 28.68 9.61 -19.69
C THR A 309 28.74 11.02 -19.11
N THR A 310 28.94 11.06 -17.80
CA THR A 310 29.28 12.28 -17.05
C THR A 310 30.13 11.92 -15.82
N GLN A 311 30.88 12.89 -15.33
CA GLN A 311 31.69 12.73 -14.11
C GLN A 311 30.94 13.20 -12.88
N ASN A 312 29.82 13.89 -13.06
CA ASN A 312 29.10 14.54 -11.93
C ASN A 312 27.61 14.37 -12.17
N ALA A 313 26.93 13.64 -11.32
CA ALA A 313 25.51 13.29 -11.54
C ALA A 313 24.71 13.36 -10.22
N PHE A 314 23.58 14.05 -10.27
CA PHE A 314 22.70 14.20 -9.10
C PHE A 314 21.38 13.54 -9.45
N LEU A 315 21.00 12.56 -8.64
CA LEU A 315 19.64 11.96 -8.71
C LEU A 315 18.76 12.76 -7.74
N ALA A 316 18.02 13.73 -8.25
CA ALA A 316 17.27 14.69 -7.41
C ALA A 316 15.82 14.23 -7.49
N MET A 317 15.55 13.06 -6.92
CA MET A 317 14.23 12.43 -7.14
C MET A 317 13.95 11.49 -5.97
N PRO A 318 12.65 11.28 -5.68
CA PRO A 318 12.29 10.44 -4.54
C PRO A 318 12.44 8.94 -4.74
N PRO A 319 12.34 8.15 -3.63
CA PRO A 319 12.45 6.69 -3.71
C PRO A 319 11.70 6.04 -4.89
N ALA A 320 10.43 6.32 -5.05
CA ALA A 320 9.64 5.68 -6.13
C ALA A 320 10.24 6.00 -7.50
N SER A 321 10.81 7.18 -7.68
CA SER A 321 11.50 7.58 -8.93
C SER A 321 12.81 6.78 -9.06
N LEU A 322 13.58 6.69 -7.97
CA LEU A 322 14.84 5.86 -7.99
C LEU A 322 14.46 4.43 -8.33
N ASP A 323 13.37 3.92 -7.77
CA ASP A 323 12.96 2.52 -8.05
C ASP A 323 12.77 2.32 -9.54
N LEU A 324 12.13 3.25 -10.25
CA LEU A 324 11.85 3.05 -11.68
C LEU A 324 13.13 3.03 -12.48
N VAL A 325 14.08 3.86 -12.12
CA VAL A 325 15.40 3.87 -12.80
C VAL A 325 16.12 2.55 -12.49
N ALA A 326 16.14 2.09 -11.23
CA ALA A 326 16.79 0.84 -10.81
C ALA A 326 16.18 -0.35 -11.52
N GLU A 327 14.88 -0.36 -11.75
CA GLU A 327 14.25 -1.50 -12.47
C GLU A 327 14.91 -1.66 -13.85
N ALA A 328 15.39 -0.61 -14.50
CA ALA A 328 15.86 -0.67 -15.91
C ALA A 328 17.18 -1.44 -16.02
N THR A 329 17.90 -1.67 -14.92
CA THR A 329 19.21 -2.41 -14.95
C THR A 329 19.18 -3.67 -14.07
N ARG A 330 18.22 -3.78 -13.19
CA ARG A 330 18.15 -4.86 -12.18
C ARG A 330 18.26 -6.24 -12.84
N TYR A 331 17.56 -6.40 -13.97
CA TYR A 331 17.37 -7.70 -14.65
C TYR A 331 18.33 -7.79 -15.83
N ALA A 332 19.11 -6.76 -16.08
CA ALA A 332 19.89 -6.61 -17.34
C ALA A 332 21.23 -7.32 -17.21
N ASP A 333 21.74 -7.79 -18.34
CA ASP A 333 23.12 -8.32 -18.38
C ASP A 333 24.04 -7.13 -18.65
N MET A 334 24.71 -6.67 -17.60
CA MET A 334 25.42 -5.36 -17.62
C MET A 334 26.76 -5.50 -18.32
N PRO A 335 27.30 -4.40 -18.89
CA PRO A 335 28.61 -4.44 -19.56
C PRO A 335 29.65 -4.93 -18.56
N GLU A 336 30.66 -5.63 -19.05
CA GLU A 336 31.89 -5.93 -18.26
C GLU A 336 32.44 -4.66 -17.65
N GLY A 337 32.90 -4.78 -16.41
CA GLY A 337 33.64 -3.73 -15.70
C GLY A 337 32.74 -2.67 -15.10
N THR A 338 31.42 -2.92 -15.03
CA THR A 338 30.46 -1.90 -14.50
C THR A 338 29.91 -2.29 -13.12
N LEU A 339 29.44 -1.25 -12.44
CA LEU A 339 28.72 -1.39 -11.15
C LEU A 339 27.30 -0.83 -11.32
N ASP A 340 26.33 -1.71 -11.12
CA ASP A 340 24.89 -1.41 -11.23
C ASP A 340 24.48 -0.80 -9.89
N ILE A 341 24.92 0.43 -9.69
CA ILE A 341 24.98 1.05 -8.35
C ILE A 341 23.62 1.04 -7.64
N LEU A 342 22.51 1.40 -8.29
CA LEU A 342 21.26 1.49 -7.50
C LEU A 342 20.78 0.12 -7.03
N ASN A 343 21.22 -0.99 -7.64
CA ASN A 343 20.78 -2.35 -7.28
C ASN A 343 21.79 -3.02 -6.35
N ALA A 344 22.86 -2.32 -5.95
CA ALA A 344 23.78 -2.93 -4.97
C ALA A 344 23.03 -3.17 -3.66
N GLU A 345 23.41 -4.21 -2.92
CA GLU A 345 22.66 -4.64 -1.72
C GLU A 345 22.57 -3.46 -0.72
N GLY A 346 23.70 -2.87 -0.43
CA GLY A 346 23.76 -1.82 0.59
C GLY A 346 22.92 -0.62 0.22
N VAL A 347 22.86 -0.32 -1.08
CA VAL A 347 22.09 0.84 -1.60
C VAL A 347 20.60 0.53 -1.51
N GLN A 348 20.22 -0.64 -1.97
CA GLN A 348 18.82 -1.12 -1.86
C GLN A 348 18.39 -1.13 -0.38
N LEU A 349 19.27 -1.59 0.51
CA LEU A 349 18.88 -1.70 1.95
C LEU A 349 18.64 -0.28 2.48
N TYR A 350 19.55 0.64 2.19
CA TYR A 350 19.43 2.03 2.69
C TYR A 350 18.26 2.76 2.02
N MET A 351 17.96 2.46 0.76
CA MET A 351 16.81 3.11 0.11
C MET A 351 15.51 2.77 0.89
N ASP A 352 15.47 1.59 1.51
CA ASP A 352 14.30 1.15 2.33
C ASP A 352 14.35 1.76 3.74
N GLY A 353 15.26 2.69 4.01
CA GLY A 353 15.35 3.40 5.32
C GLY A 353 14.22 4.39 5.55
N VAL A 354 13.28 4.52 4.60
CA VAL A 354 12.04 5.36 4.76
C VAL A 354 10.83 4.50 4.36
N ILE A 355 9.73 4.80 5.01
CA ILE A 355 8.39 4.32 4.60
C ILE A 355 7.68 5.45 3.86
N ARG A 356 6.65 5.08 3.10
CA ARG A 356 5.89 6.01 2.26
C ARG A 356 4.48 6.21 2.80
N GLN A 357 4.02 7.47 2.75
CA GLN A 357 2.62 7.85 3.08
C GLN A 357 1.96 8.41 1.82
N PRO A 358 0.92 7.72 1.29
CA PRO A 358 0.14 8.11 0.11
C PRO A 358 -0.70 9.34 0.53
N SER A 359 -0.91 10.31 -0.36
CA SER A 359 -1.67 11.55 -0.10
C SER A 359 -2.44 11.87 -1.39
N MET A 360 -3.69 12.36 -1.25
CA MET A 360 -4.50 12.90 -2.40
C MET A 360 -5.03 14.23 -1.91
N ARG A 361 -4.97 15.24 -2.75
CA ARG A 361 -5.51 16.56 -2.38
C ARG A 361 -6.59 16.87 -3.39
N VAL A 362 -7.74 17.27 -2.91
CA VAL A 362 -8.81 17.79 -3.81
C VAL A 362 -8.94 19.27 -3.58
N MET A 363 -8.92 20.01 -4.67
CA MET A 363 -8.91 21.48 -4.61
C MET A 363 -10.25 21.93 -5.19
N LEU A 364 -11.04 22.67 -4.42
CA LEU A 364 -12.37 23.10 -4.90
C LEU A 364 -12.51 24.61 -4.76
N PHE A 365 -12.93 25.26 -5.83
CA PHE A 365 -13.21 26.71 -5.81
C PHE A 365 -14.72 26.93 -5.88
N PHE A 366 -15.22 27.81 -4.99
CA PHE A 366 -16.65 28.15 -4.86
C PHE A 366 -16.84 29.61 -5.27
N ASP A 367 -18.05 29.93 -5.73
CA ASP A 367 -18.34 31.35 -6.09
C ASP A 367 -18.64 32.17 -4.83
N ARG A 368 -18.74 31.56 -3.64
CA ARG A 368 -18.95 32.31 -2.40
C ARG A 368 -18.40 31.49 -1.25
N PRO A 369 -18.02 32.14 -0.14
CA PRO A 369 -17.57 31.40 1.05
C PRO A 369 -18.77 30.86 1.87
N TRP A 370 -19.37 29.79 1.37
CA TRP A 370 -20.65 29.25 1.86
C TRP A 370 -20.49 28.83 3.32
N TRP A 371 -19.28 28.47 3.75
CA TRP A 371 -19.02 27.95 5.12
C TRP A 371 -19.16 29.08 6.14
N THR A 372 -19.22 30.34 5.69
CA THR A 372 -19.43 31.52 6.58
C THR A 372 -20.91 31.91 6.65
N ASP A 373 -21.81 31.26 5.92
CA ASP A 373 -23.25 31.67 5.90
C ASP A 373 -23.85 31.52 7.30
N ALA A 374 -24.75 32.44 7.68
CA ALA A 374 -25.28 32.53 9.05
C ALA A 374 -26.07 31.26 9.39
N ASP A 375 -26.60 30.52 8.41
CA ASP A 375 -27.47 29.35 8.69
C ASP A 375 -26.66 28.04 8.74
N VAL A 376 -25.33 28.11 8.61
CA VAL A 376 -24.48 26.88 8.74
C VAL A 376 -24.41 26.46 10.20
N PRO A 377 -24.87 25.26 10.54
CA PRO A 377 -24.90 24.78 11.93
C PRO A 377 -23.53 24.79 12.63
N TYR A 378 -22.50 24.31 11.90
CA TYR A 378 -21.15 24.10 12.50
C TYR A 378 -20.11 24.76 11.61
N PRO A 379 -20.05 26.09 11.57
CA PRO A 379 -19.07 26.78 10.72
C PRO A 379 -17.68 26.61 11.28
N PRO A 380 -16.62 26.66 10.44
CA PRO A 380 -15.27 26.67 11.01
C PRO A 380 -14.97 28.00 11.70
N ASP A 381 -14.16 28.01 12.78
CA ASP A 381 -13.91 29.22 13.63
C ASP A 381 -12.65 29.86 13.05
N LEU A 382 -12.80 30.57 11.94
CA LEU A 382 -11.64 31.08 11.19
C LEU A 382 -11.30 32.54 11.53
N THR A 383 -12.10 33.28 12.30
CA THR A 383 -11.81 34.74 12.44
C THR A 383 -10.68 34.98 13.47
N SER A 384 -10.05 36.15 13.36
CA SER A 384 -8.85 36.59 14.13
C SER A 384 -8.92 38.12 14.22
N ASP A 385 -9.40 38.67 15.36
CA ASP A 385 -9.86 40.10 15.46
C ASP A 385 -8.84 41.07 14.83
N GLY A 386 -7.53 40.81 14.93
CA GLY A 386 -6.48 41.74 14.48
C GLY A 386 -6.23 41.73 12.97
N ALA A 387 -6.49 40.61 12.27
CA ALA A 387 -5.92 40.39 10.93
C ALA A 387 -6.75 39.39 10.12
N PRO A 388 -6.24 38.90 8.97
CA PRO A 388 -7.04 38.06 8.08
C PRO A 388 -7.37 36.75 8.80
N ASN A 389 -8.44 36.12 8.32
CA ASN A 389 -8.93 34.82 8.82
C ASN A 389 -7.81 33.78 8.79
N THR A 390 -7.82 32.86 9.75
CA THR A 390 -7.02 31.61 9.74
C THR A 390 -7.56 30.69 8.64
N PHE A 391 -6.81 29.66 8.35
CA PHE A 391 -7.11 28.74 7.24
C PHE A 391 -7.78 27.45 7.72
N GLY A 392 -8.06 27.35 8.99
CA GLY A 392 -8.60 26.14 9.63
C GLY A 392 -7.45 25.47 10.37
N PRO A 393 -7.35 24.13 10.38
CA PRO A 393 -8.25 23.24 9.63
C PRO A 393 -9.53 22.83 10.37
N THR A 394 -10.39 22.09 9.68
CA THR A 394 -11.41 21.21 10.28
C THR A 394 -10.83 19.81 10.25
N ILE A 395 -11.02 19.04 11.31
CA ILE A 395 -10.35 17.74 11.47
C ILE A 395 -11.42 16.68 11.68
N THR A 396 -11.32 15.54 11.00
CA THR A 396 -12.38 14.53 11.03
C THR A 396 -11.80 13.10 11.09
N ASP A 397 -12.67 12.13 11.45
CA ASP A 397 -12.35 10.69 11.34
C ASP A 397 -12.83 10.07 10.03
N LEU A 398 -13.16 10.89 9.03
CA LEU A 398 -13.60 10.41 7.70
C LEU A 398 -12.40 10.21 6.80
N PRO A 399 -12.60 9.53 5.66
CA PRO A 399 -11.60 9.52 4.59
C PRO A 399 -11.10 10.94 4.28
N LEU A 400 -12.01 11.90 4.25
CA LEU A 400 -11.63 13.33 4.13
C LEU A 400 -11.16 13.78 5.50
N ARG A 401 -9.86 13.75 5.74
CA ARG A 401 -9.37 13.78 7.15
C ARG A 401 -9.17 15.21 7.64
N GLN A 402 -8.92 16.15 6.72
CA GLN A 402 -8.71 17.57 7.09
C GLN A 402 -9.20 18.48 5.98
N VAL A 403 -9.74 19.63 6.38
CA VAL A 403 -10.20 20.67 5.42
C VAL A 403 -9.51 21.99 5.74
N TYR A 404 -8.92 22.64 4.73
CA TYR A 404 -8.37 24.00 4.87
C TYR A 404 -9.20 24.94 4.00
N TYR A 405 -9.38 26.17 4.48
CA TYR A 405 -10.27 27.19 3.86
C TYR A 405 -9.40 28.35 3.42
N PHE A 406 -9.08 28.41 2.15
CA PHE A 406 -8.19 29.49 1.61
C PHE A 406 -9.01 30.70 1.23
N GLY A 407 -10.26 30.49 0.81
CA GLY A 407 -11.14 31.62 0.48
C GLY A 407 -10.51 32.40 -0.65
N ASN A 408 -10.64 33.73 -0.60
CA ASN A 408 -10.26 34.64 -1.69
C ASN A 408 -8.83 35.09 -1.46
N ASN A 409 -7.89 34.48 -2.16
CA ASN A 409 -6.47 34.94 -2.18
C ASN A 409 -6.11 35.48 -3.56
N SER A 410 -7.11 35.93 -4.32
CA SER A 410 -6.96 36.43 -5.70
C SER A 410 -6.14 37.71 -5.68
N ASP A 411 -5.54 38.04 -6.81
CA ASP A 411 -4.83 39.34 -6.87
C ASP A 411 -5.27 40.01 -8.16
N GLY A 412 -6.47 40.59 -8.12
CA GLY A 412 -6.91 41.62 -9.08
C GLY A 412 -8.08 41.21 -9.98
N THR A 413 -8.60 39.98 -9.86
CA THR A 413 -9.84 39.55 -10.59
C THR A 413 -11.03 40.34 -10.05
N ALA A 414 -11.95 40.70 -10.94
CA ALA A 414 -13.26 41.31 -10.59
C ALA A 414 -14.20 40.27 -9.99
N ASN A 415 -13.99 38.98 -10.29
CA ASN A 415 -14.97 37.93 -9.90
C ASN A 415 -14.23 36.83 -9.11
N PRO A 416 -13.83 37.12 -7.88
CA PRO A 416 -13.03 36.16 -7.10
C PRO A 416 -13.78 34.90 -6.74
N VAL A 417 -13.01 33.81 -6.66
CA VAL A 417 -13.53 32.54 -6.10
C VAL A 417 -12.91 32.28 -4.74
N TYR A 418 -13.47 31.28 -4.08
CA TYR A 418 -13.20 30.99 -2.65
C TYR A 418 -12.79 29.52 -2.57
N GLY A 419 -11.55 29.29 -2.18
CA GLY A 419 -10.93 27.95 -2.29
C GLY A 419 -11.02 27.13 -1.01
N VAL A 420 -11.12 25.82 -1.22
CA VAL A 420 -11.18 24.80 -0.15
C VAL A 420 -10.25 23.67 -0.54
N LEU A 421 -9.44 23.24 0.40
CA LEU A 421 -8.49 22.13 0.21
C LEU A 421 -9.02 20.94 1.04
N ALA A 422 -9.24 19.80 0.40
CA ALA A 422 -9.71 18.57 1.06
C ALA A 422 -8.58 17.55 1.04
N SER A 423 -8.12 17.11 2.20
CA SER A 423 -6.98 16.18 2.32
C SER A 423 -7.44 14.76 2.58
N TYR A 424 -6.96 13.85 1.74
CA TYR A 424 -7.10 12.39 1.91
C TYR A 424 -5.70 11.82 2.08
N ASP A 425 -5.47 11.05 3.12
CA ASP A 425 -4.10 10.50 3.38
C ASP A 425 -4.21 9.07 3.88
N ASP A 426 -3.06 8.38 3.85
CA ASP A 426 -2.75 7.15 4.59
C ASP A 426 -3.06 5.91 3.76
N MET A 427 -2.28 4.88 4.05
CA MET A 427 -2.42 3.58 3.39
C MET A 427 -3.85 3.08 3.57
N GLN A 428 -4.48 3.40 4.69
CA GLN A 428 -5.88 2.92 4.87
C GLN A 428 -6.77 3.37 3.70
N TYR A 429 -6.61 4.59 3.21
CA TYR A 429 -7.64 5.19 2.34
C TYR A 429 -7.21 5.24 0.88
N VAL A 430 -5.99 4.83 0.47
CA VAL A 430 -5.58 5.02 -0.95
C VAL A 430 -6.59 4.32 -1.89
N GLN A 431 -6.99 3.07 -1.58
CA GLN A 431 -7.91 2.35 -2.49
C GLN A 431 -9.31 2.96 -2.44
N PHE A 432 -9.67 3.64 -1.34
CA PHE A 432 -10.95 4.37 -1.26
C PHE A 432 -10.93 5.52 -2.28
N TRP A 433 -9.90 6.36 -2.27
CA TRP A 433 -9.95 7.56 -3.15
C TRP A 433 -9.65 7.22 -4.61
N GLN A 434 -8.89 6.16 -4.90
CA GLN A 434 -8.47 5.96 -6.29
C GLN A 434 -9.66 5.65 -7.20
N GLU A 435 -10.71 4.98 -6.75
CA GLU A 435 -11.87 4.67 -7.63
C GLU A 435 -12.72 5.93 -7.93
N LEU A 436 -12.58 7.02 -7.18
CA LEU A 436 -13.25 8.29 -7.44
C LEU A 436 -12.59 9.00 -8.62
N GLU A 437 -11.43 8.53 -9.06
CA GLU A 437 -10.63 9.26 -10.08
C GLU A 437 -11.10 8.96 -11.49
N ILE A 438 -12.03 8.03 -11.68
CA ILE A 438 -12.55 7.63 -13.00
C ILE A 438 -14.04 7.91 -12.97
N ASP A 439 -14.57 8.44 -14.06
CA ASP A 439 -16.03 8.72 -14.20
C ASP A 439 -16.83 7.44 -13.93
N VAL A 440 -17.98 7.55 -13.26
CA VAL A 440 -18.85 6.38 -12.94
C VAL A 440 -19.38 5.75 -14.23
N GLY A 441 -19.34 6.47 -15.37
CA GLY A 441 -19.76 5.86 -16.64
C GLY A 441 -18.65 5.12 -17.38
N GLU A 442 -17.43 5.16 -16.87
CA GLU A 442 -16.24 4.75 -17.65
C GLU A 442 -15.49 3.63 -16.96
N ARG A 443 -14.81 2.86 -17.79
CA ARG A 443 -13.81 1.86 -17.36
C ARG A 443 -12.47 2.56 -17.23
N ARG A 444 -11.59 1.99 -16.41
CA ARG A 444 -10.18 2.44 -16.37
C ARG A 444 -9.54 2.22 -17.74
N LYS A 445 -8.68 3.15 -18.18
CA LYS A 445 -8.06 3.06 -19.53
C LYS A 445 -6.53 3.13 -19.43
N VAL A 446 -6.00 3.62 -18.31
CA VAL A 446 -4.54 3.75 -18.17
C VAL A 446 -4.11 2.84 -17.04
N PRO A 447 -3.12 1.92 -17.19
CA PRO A 447 -2.64 1.16 -16.05
C PRO A 447 -2.20 2.08 -14.90
N ILE A 448 -2.44 1.68 -13.67
CA ILE A 448 -2.41 2.62 -12.52
C ILE A 448 -0.94 3.06 -12.34
N ASP A 449 0.00 2.14 -12.52
CA ASP A 449 1.45 2.46 -12.35
C ASP A 449 2.01 3.27 -13.51
N GLN A 450 1.23 3.57 -14.55
CA GLN A 450 1.67 4.36 -15.74
C GLN A 450 0.88 5.66 -15.84
N ASP A 451 0.05 5.96 -14.86
CA ASP A 451 -0.77 7.18 -14.86
C ASP A 451 -0.01 8.26 -14.11
N TYR A 452 0.77 9.07 -14.82
CA TYR A 452 1.69 10.04 -14.19
C TYR A 452 0.97 11.38 -13.93
N GLN A 453 -0.13 11.31 -13.20
CA GLN A 453 -1.11 12.42 -13.16
C GLN A 453 -0.47 13.69 -12.61
N VAL A 454 0.21 13.59 -11.48
CA VAL A 454 0.74 14.79 -10.76
C VAL A 454 1.83 15.41 -11.63
N LEU A 455 2.53 14.60 -12.33
CA LEU A 455 3.59 15.09 -13.25
C LEU A 455 2.99 16.05 -14.29
N PHE A 456 1.82 15.74 -14.86
CA PHE A 456 1.16 16.55 -15.92
C PHE A 456 0.48 17.76 -15.29
N GLY A 457 -0.21 17.56 -14.17
CA GLY A 457 -0.85 18.69 -13.49
C GLY A 457 -2.15 18.20 -12.84
N PRO A 458 -2.77 19.00 -11.96
CA PRO A 458 -4.02 18.60 -11.33
C PRO A 458 -5.06 18.20 -12.35
N ARG A 459 -5.75 17.10 -12.06
CA ARG A 459 -6.73 16.49 -12.95
C ARG A 459 -8.14 16.91 -12.55
N LYS A 460 -8.98 17.20 -13.53
CA LYS A 460 -10.40 17.53 -13.27
C LYS A 460 -11.04 16.45 -12.37
N ALA A 461 -11.66 16.89 -11.30
CA ALA A 461 -12.38 16.00 -10.37
C ALA A 461 -13.57 15.44 -11.15
N THR A 462 -13.84 14.13 -11.01
CA THR A 462 -15.05 13.51 -11.58
C THR A 462 -16.27 14.04 -10.82
N ASP A 463 -17.45 13.88 -11.42
CA ASP A 463 -18.71 14.26 -10.75
C ASP A 463 -18.84 13.42 -9.45
N THR A 464 -18.50 12.14 -9.51
CA THR A 464 -18.55 11.29 -8.29
C THR A 464 -17.65 11.87 -7.20
N MET A 465 -16.42 12.26 -7.55
CA MET A 465 -15.45 12.80 -6.57
C MET A 465 -15.96 14.11 -5.97
N ILE A 466 -16.50 15.02 -6.79
CA ILE A 466 -17.07 16.31 -6.30
C ILE A 466 -18.18 15.98 -5.31
N ARG A 467 -19.10 15.12 -5.74
CA ARG A 467 -20.28 14.78 -4.89
C ARG A 467 -19.82 14.13 -3.58
N MET A 468 -18.82 13.28 -3.64
CA MET A 468 -18.29 12.63 -2.41
C MET A 468 -17.79 13.74 -1.47
N VAL A 469 -16.99 14.67 -1.95
CA VAL A 469 -16.46 15.74 -1.08
C VAL A 469 -17.61 16.60 -0.52
N LEU A 470 -18.60 16.96 -1.35
CA LEU A 470 -19.69 17.83 -0.86
C LEU A 470 -20.49 17.05 0.21
N LEU A 471 -20.68 15.75 0.03
CA LEU A 471 -21.37 14.92 1.04
C LEU A 471 -20.60 15.01 2.36
N GLU A 472 -19.30 14.85 2.32
CA GLU A 472 -18.46 14.89 3.53
C GLU A 472 -18.52 16.28 4.14
N LEU A 473 -18.42 17.35 3.34
CA LEU A 473 -18.51 18.74 3.84
C LEU A 473 -19.90 18.95 4.46
N ALA A 474 -20.95 18.36 3.89
CA ALA A 474 -22.33 18.50 4.42
C ALA A 474 -22.44 17.81 5.80
N LYS A 475 -21.91 16.62 5.92
CA LYS A 475 -21.85 15.94 7.23
C LYS A 475 -21.09 16.81 8.24
N VAL A 476 -19.94 17.33 7.84
CA VAL A 476 -19.08 18.14 8.72
C VAL A 476 -19.81 19.41 9.16
N HIS A 477 -20.31 20.20 8.24
CA HIS A 477 -20.74 21.61 8.53
C HIS A 477 -22.26 21.66 8.80
N TRP A 478 -23.02 20.66 8.36
CA TRP A 478 -24.50 20.63 8.62
C TRP A 478 -24.91 19.53 9.56
N GLY A 479 -24.09 18.49 9.70
CA GLY A 479 -24.45 17.26 10.43
C GLY A 479 -25.62 16.57 9.78
N ASP A 480 -25.74 16.66 8.46
CA ASP A 480 -26.84 15.99 7.74
C ASP A 480 -26.38 15.76 6.32
N PRO A 481 -26.19 14.49 5.88
CA PRO A 481 -25.77 14.25 4.49
C PRO A 481 -26.75 14.78 3.43
N ASN A 482 -28.04 14.90 3.78
CA ASN A 482 -29.08 15.46 2.89
C ASN A 482 -28.88 16.97 2.72
N ALA A 483 -28.07 17.63 3.56
CA ALA A 483 -27.73 19.06 3.37
C ALA A 483 -26.72 19.25 2.24
N ALA A 484 -26.20 18.21 1.57
CA ALA A 484 -25.22 18.45 0.48
C ALA A 484 -25.80 19.36 -0.62
N HIS A 485 -27.10 19.30 -0.83
CA HIS A 485 -27.80 20.10 -1.86
C HIS A 485 -27.64 21.60 -1.55
N GLN A 486 -27.29 21.97 -0.32
CA GLN A 486 -27.18 23.39 0.12
C GLN A 486 -25.82 23.99 -0.23
N ILE A 487 -24.82 23.16 -0.52
CA ILE A 487 -23.48 23.67 -0.90
C ILE A 487 -23.51 23.97 -2.40
N PRO A 488 -23.11 25.18 -2.80
CA PRO A 488 -23.03 25.53 -4.21
C PRO A 488 -22.03 24.60 -4.92
N TRP A 489 -22.37 24.21 -6.14
CA TRP A 489 -21.48 23.33 -6.93
C TRP A 489 -20.19 24.12 -7.18
N PRO A 490 -18.99 23.53 -7.04
CA PRO A 490 -17.71 24.21 -7.26
C PRO A 490 -17.63 24.80 -8.68
N VAL A 491 -17.05 25.98 -8.81
CA VAL A 491 -16.63 26.60 -10.08
C VAL A 491 -15.62 25.70 -10.77
N GLU A 492 -14.66 25.18 -10.01
CA GLU A 492 -13.63 24.28 -10.54
C GLU A 492 -13.24 23.32 -9.43
N ALA A 493 -12.99 22.08 -9.78
CA ALA A 493 -12.52 21.07 -8.79
C ALA A 493 -11.51 20.22 -9.50
N ILE A 494 -10.35 20.09 -8.89
CA ILE A 494 -9.25 19.30 -9.46
C ILE A 494 -8.61 18.48 -8.34
N PHE A 495 -7.77 17.52 -8.69
CA PHE A 495 -7.09 16.70 -7.65
C PHE A 495 -5.66 16.37 -8.07
N ASN A 496 -4.88 16.06 -7.04
CA ASN A 496 -3.51 15.54 -7.20
C ASN A 496 -3.38 14.30 -6.34
N ASP A 497 -3.11 13.14 -6.95
CA ASP A 497 -2.93 11.87 -6.23
C ASP A 497 -1.43 11.60 -6.21
N PHE A 498 -0.78 11.89 -5.08
CA PHE A 498 0.70 11.75 -4.94
C PHE A 498 1.11 10.29 -4.80
N SER A 499 0.16 9.35 -4.60
CA SER A 499 0.50 7.91 -4.57
C SER A 499 0.97 7.44 -5.94
N LEU A 500 0.53 8.13 -7.00
CA LEU A 500 0.86 7.65 -8.36
C LEU A 500 2.35 7.82 -8.66
N ASN A 501 2.87 7.00 -9.57
CA ASN A 501 4.20 7.27 -10.14
C ASN A 501 4.22 8.62 -10.82
N PRO A 502 5.42 9.27 -10.87
CA PRO A 502 6.70 8.80 -10.32
C PRO A 502 6.95 9.14 -8.85
N PHE A 503 5.98 9.78 -8.18
CA PHE A 503 6.18 10.26 -6.79
C PHE A 503 6.00 9.11 -5.81
N GLY A 504 4.95 8.30 -5.96
CA GLY A 504 4.68 7.11 -5.15
C GLY A 504 4.52 7.34 -3.68
N ALA A 505 4.28 8.58 -3.29
CA ALA A 505 4.17 9.01 -1.89
C ALA A 505 3.86 10.50 -1.87
N GLY A 506 3.01 10.92 -0.94
CA GLY A 506 3.03 12.34 -0.54
C GLY A 506 4.28 12.66 0.23
N TYR A 507 4.55 11.77 1.20
CA TYR A 507 5.54 11.97 2.28
C TYR A 507 6.35 10.71 2.47
N HIS A 508 7.61 10.90 2.86
CA HIS A 508 8.53 9.84 3.37
C HIS A 508 8.76 10.11 4.84
N ALA A 509 8.92 9.02 5.58
CA ALA A 509 9.25 9.04 7.03
C ALA A 509 10.30 7.98 7.34
N TRP A 510 11.33 8.34 8.11
CA TRP A 510 12.37 7.40 8.54
C TRP A 510 11.74 6.14 9.14
N ALA A 511 12.22 4.98 8.70
CA ALA A 511 11.73 3.68 9.14
C ALA A 511 12.35 3.24 10.47
N ALA A 512 11.60 2.49 11.23
CA ALA A 512 12.13 1.72 12.36
C ALA A 512 13.21 0.78 11.83
N HIS A 513 14.10 0.35 12.74
CA HIS A 513 15.15 -0.65 12.47
C HIS A 513 16.17 -0.07 11.47
N TYR A 514 16.37 1.22 11.51
CA TYR A 514 17.44 1.92 10.77
C TYR A 514 18.12 2.90 11.71
N ASP A 515 19.41 3.03 11.50
CA ASP A 515 20.29 4.09 12.05
C ASP A 515 20.10 5.27 11.12
N ILE A 516 19.18 6.17 11.44
CA ILE A 516 18.81 7.30 10.56
C ILE A 516 20.06 8.09 10.17
N CYS A 517 20.90 8.46 11.15
CA CYS A 517 22.05 9.33 10.83
C CYS A 517 22.92 8.62 9.79
N ASP A 518 23.12 7.32 9.89
CA ASP A 518 24.07 6.63 9.00
C ASP A 518 23.48 6.60 7.59
N VAL A 519 22.17 6.41 7.49
CA VAL A 519 21.51 6.47 6.16
C VAL A 519 21.63 7.87 5.60
N MET A 520 21.23 8.89 6.38
CA MET A 520 21.22 10.28 5.94
C MET A 520 22.62 10.64 5.39
N GLN A 521 23.65 10.28 6.12
CA GLN A 521 25.06 10.58 5.71
C GLN A 521 25.43 9.80 4.46
N ARG A 522 25.21 8.51 4.45
CA ARG A 522 25.91 7.61 3.52
C ARG A 522 25.12 7.36 2.23
N ILE A 523 23.81 7.51 2.23
CA ILE A 523 23.04 7.25 0.98
C ILE A 523 23.35 8.35 -0.03
N ARG A 524 23.85 9.51 0.39
CA ARG A 524 23.98 10.63 -0.55
C ARG A 524 24.99 10.26 -1.62
N GLN A 525 26.04 9.53 -1.27
CA GLN A 525 27.04 9.09 -2.27
C GLN A 525 27.01 7.57 -2.25
N PRO A 526 26.10 6.91 -2.99
CA PRO A 526 25.88 5.48 -2.82
C PRO A 526 27.09 4.54 -3.05
N THR A 527 28.14 4.98 -3.80
CA THR A 527 29.36 4.13 -3.90
C THR A 527 29.92 3.81 -2.52
N GLY A 528 29.70 4.66 -1.53
CA GLY A 528 30.25 4.40 -0.18
C GLY A 528 29.54 3.28 0.54
N LEU A 529 28.42 2.79 0.00
CA LEU A 529 27.66 1.65 0.57
C LEU A 529 28.05 0.34 -0.12
N VAL A 530 29.00 0.41 -1.06
CA VAL A 530 29.38 -0.80 -1.85
C VAL A 530 30.84 -1.13 -1.61
N PRO A 531 31.13 -2.14 -0.80
CA PRO A 531 32.53 -2.53 -0.56
C PRO A 531 33.26 -2.82 -1.89
N GLY A 532 34.44 -2.21 -2.04
CA GLY A 532 35.30 -2.34 -3.23
C GLY A 532 34.94 -1.41 -4.35
N ALA A 533 33.83 -0.66 -4.25
CA ALA A 533 33.45 0.20 -5.39
C ALA A 533 34.43 1.36 -5.48
N THR A 534 34.72 1.76 -6.70
CA THR A 534 35.41 3.03 -6.95
C THR A 534 34.49 4.17 -6.58
N ALA A 535 34.94 5.13 -5.80
CA ALA A 535 34.14 6.34 -5.52
C ALA A 535 33.73 7.03 -6.81
N ALA A 536 32.48 7.47 -6.87
CA ALA A 536 32.00 8.30 -8.00
C ALA A 536 31.16 9.48 -7.49
N ASN A 537 31.17 10.57 -8.26
CA ASN A 537 30.38 11.78 -8.00
C ASN A 537 28.97 11.51 -8.57
N LEU A 538 28.28 10.56 -7.95
CA LEU A 538 26.86 10.25 -8.22
C LEU A 538 26.17 10.37 -6.87
N PHE A 539 25.17 11.23 -6.78
CA PHE A 539 24.55 11.63 -5.52
C PHE A 539 23.06 11.43 -5.58
N ILE A 540 22.49 11.11 -4.43
CA ILE A 540 21.01 11.07 -4.20
C ILE A 540 20.65 12.23 -3.29
N ILE A 541 19.77 13.10 -3.75
CA ILE A 541 19.34 14.28 -2.96
C ILE A 541 17.82 14.43 -3.06
N GLY A 542 17.28 15.22 -2.14
CA GLY A 542 15.83 15.40 -2.02
C GLY A 542 15.33 15.31 -0.60
N GLU A 543 14.04 15.56 -0.40
CA GLU A 543 13.44 15.58 0.96
C GLU A 543 13.47 14.19 1.56
N ALA A 544 13.44 13.13 0.78
CA ALA A 544 13.14 11.78 1.33
C ALA A 544 14.17 11.30 2.34
N TYR A 545 15.45 11.50 2.13
CA TYR A 545 16.50 11.05 3.06
C TYR A 545 17.07 12.21 3.84
N SER A 546 16.29 13.25 4.05
CA SER A 546 16.69 14.46 4.78
C SER A 546 16.31 14.33 6.25
N ASN A 547 16.69 15.36 7.03
CA ASN A 547 16.24 15.54 8.42
C ASN A 547 15.00 16.44 8.51
N ASP A 548 14.40 16.77 7.36
CA ASP A 548 13.22 17.66 7.25
C ASP A 548 12.27 17.06 6.23
N GLN A 549 11.92 15.79 6.41
CA GLN A 549 11.00 15.08 5.51
C GLN A 549 9.66 15.82 5.44
N ALA A 550 9.03 15.77 4.28
CA ALA A 550 7.79 16.59 4.08
C ALA A 550 7.97 18.13 4.12
N TRP A 551 9.20 18.64 4.07
CA TRP A 551 9.47 20.06 3.80
C TRP A 551 10.39 20.24 2.62
N VAL A 552 10.14 21.26 1.83
CA VAL A 552 11.16 21.75 0.86
C VAL A 552 12.51 21.87 1.56
N GLU A 553 12.54 22.38 2.80
CA GLU A 553 13.80 22.51 3.54
C GLU A 553 14.66 21.24 3.42
N GLY A 554 14.10 20.04 3.51
CA GLY A 554 14.87 18.79 3.43
C GLY A 554 15.51 18.58 2.06
N ALA A 555 14.81 18.96 1.01
CA ALA A 555 15.34 18.94 -0.36
C ALA A 555 16.55 19.86 -0.45
N PHE A 556 16.41 21.07 0.10
CA PHE A 556 17.49 22.06 0.03
C PHE A 556 18.67 21.62 0.92
N CYS A 557 18.38 21.06 2.10
CA CYS A 557 19.46 20.69 3.05
C CYS A 557 20.31 19.55 2.51
N THR A 558 19.72 18.51 1.96
CA THR A 558 20.52 17.35 1.44
C THR A 558 21.32 17.89 0.25
N ALA A 559 20.69 18.65 -0.65
CA ALA A 559 21.45 19.23 -1.80
C ALA A 559 22.64 20.06 -1.27
N GLU A 560 22.39 20.97 -0.35
CA GLU A 560 23.45 21.84 0.20
C GLU A 560 24.52 20.97 0.84
N SER A 561 24.16 19.92 1.60
CA SER A 561 25.15 19.03 2.24
C SER A 561 26.08 18.35 1.22
N VAL A 562 25.54 18.01 0.05
CA VAL A 562 26.36 17.38 -1.02
C VAL A 562 27.30 18.44 -1.60
N LEU A 563 26.81 19.64 -1.83
CA LEU A 563 27.71 20.71 -2.37
C LEU A 563 28.82 21.01 -1.39
N VAL A 564 28.54 21.07 -0.10
CA VAL A 564 29.55 21.36 0.96
C VAL A 564 30.50 20.16 1.06
N ASP A 565 29.99 18.95 1.23
CA ASP A 565 30.83 17.77 1.58
C ASP A 565 31.61 17.25 0.37
N TYR A 566 31.05 17.30 -0.84
CA TYR A 566 31.66 16.64 -2.02
C TYR A 566 32.14 17.63 -3.08
N TYR A 567 31.80 18.94 -3.02
CA TYR A 567 32.30 19.94 -4.00
C TYR A 567 33.03 21.07 -3.25
N GLY A 568 33.16 20.97 -1.95
CA GLY A 568 33.93 21.96 -1.15
C GLY A 568 33.32 23.34 -1.15
N MET A 569 32.00 23.49 -1.39
CA MET A 569 31.38 24.83 -1.43
C MET A 569 31.21 25.35 -0.02
N THR A 570 31.28 26.66 0.15
CA THR A 570 30.95 27.34 1.40
C THR A 570 29.43 27.39 1.51
N THR A 571 28.86 26.87 2.60
CA THR A 571 27.41 26.89 2.83
C THR A 571 26.91 28.34 2.98
N ILE A 572 25.69 28.57 2.51
CA ILE A 572 24.94 29.83 2.77
C ILE A 572 24.33 29.81 4.17
N ALA A 573 24.25 28.66 4.83
CA ALA A 573 23.62 28.56 6.15
C ALA A 573 24.60 28.97 7.25
N ASP A 574 24.05 29.43 8.38
CA ASP A 574 24.76 29.34 9.67
C ASP A 574 24.43 27.99 10.28
N THR A 575 25.41 27.07 10.32
CA THR A 575 25.22 25.72 10.86
C THR A 575 25.56 25.61 12.34
N THR A 576 25.86 26.74 13.02
CA THR A 576 26.24 26.69 14.45
C THR A 576 25.21 25.88 15.26
N ASN A 577 23.92 26.15 15.04
CA ASN A 577 22.81 25.50 15.77
C ASN A 577 21.90 24.85 14.72
N TYR A 578 22.47 24.38 13.61
CA TYR A 578 21.65 23.98 12.44
C TYR A 578 22.42 23.03 11.55
N PRO A 579 22.69 21.79 11.99
CA PRO A 579 23.28 20.78 11.10
C PRO A 579 22.36 20.58 9.88
N LEU A 580 22.92 20.63 8.69
CA LEU A 580 22.10 20.46 7.46
C LEU A 580 21.42 19.11 7.49
N ILE A 581 22.21 18.10 7.81
CA ILE A 581 21.80 16.71 8.06
C ILE A 581 22.49 16.26 9.34
N CYS A 582 21.97 15.24 9.97
CA CYS A 582 22.57 14.65 11.19
C CYS A 582 24.04 14.26 10.94
N ALA A 583 24.90 14.54 11.91
CA ALA A 583 26.28 14.03 11.93
C ALA A 583 26.34 12.78 12.81
N CYS A 584 27.04 11.71 12.42
CA CYS A 584 27.19 10.57 13.37
C CYS A 584 28.59 10.62 14.00
N GLY B 2 7.49 -35.15 -29.64
CA GLY B 2 6.17 -34.85 -29.05
C GLY B 2 6.08 -33.40 -28.61
N THR B 3 5.10 -33.08 -27.78
CA THR B 3 4.74 -31.70 -27.39
C THR B 3 5.30 -31.42 -25.99
N THR B 4 5.90 -30.25 -25.78
CA THR B 4 6.35 -29.80 -24.44
C THR B 4 5.36 -28.76 -23.89
N TYR B 5 4.90 -29.00 -22.66
CA TYR B 5 4.03 -28.09 -21.88
C TYR B 5 4.93 -27.52 -20.76
N THR B 6 5.01 -26.19 -20.68
CA THR B 6 5.98 -25.54 -19.76
C THR B 6 5.17 -24.74 -18.74
N ILE B 7 5.29 -25.07 -17.46
CA ILE B 7 4.46 -24.42 -16.42
C ILE B 7 5.38 -23.66 -15.45
N PHE B 8 5.14 -22.35 -15.33
CA PHE B 8 5.95 -21.47 -14.43
C PHE B 8 5.09 -21.20 -13.20
N GLY B 9 5.52 -21.82 -12.10
CA GLY B 9 4.84 -21.75 -10.80
C GLY B 9 4.22 -23.08 -10.42
N ALA B 10 4.74 -23.74 -9.38
CA ALA B 10 4.14 -24.96 -8.76
C ALA B 10 3.33 -24.60 -7.53
N GLY B 11 2.45 -23.61 -7.66
CA GLY B 11 1.34 -23.41 -6.75
C GLY B 11 0.14 -24.26 -7.16
N PRO B 12 -1.01 -24.12 -6.49
CA PRO B 12 -2.23 -24.82 -6.82
C PRO B 12 -2.48 -24.83 -8.34
N ALA B 13 -2.42 -23.69 -8.98
CA ALA B 13 -2.85 -23.62 -10.42
C ALA B 13 -1.88 -24.41 -11.29
N GLY B 14 -0.56 -24.27 -11.11
CA GLY B 14 0.46 -24.97 -11.93
C GLY B 14 0.40 -26.47 -11.67
N LEU B 15 0.26 -26.87 -10.41
CA LEU B 15 0.18 -28.31 -10.06
C LEU B 15 -1.09 -28.91 -10.66
N TYR B 16 -2.20 -28.21 -10.54
CA TYR B 16 -3.49 -28.73 -11.07
C TYR B 16 -3.39 -28.88 -12.59
N THR B 17 -2.71 -27.96 -13.26
CA THR B 17 -2.62 -27.98 -14.74
C THR B 17 -1.85 -29.23 -15.15
N ALA B 18 -0.73 -29.50 -14.48
CA ALA B 18 0.12 -30.67 -14.78
C ALA B 18 -0.71 -31.93 -14.55
N TRP B 19 -1.44 -31.99 -13.45
CA TRP B 19 -2.26 -33.18 -13.10
C TRP B 19 -3.36 -33.43 -14.14
N ARG B 20 -4.02 -32.38 -14.58
CA ARG B 20 -5.13 -32.56 -15.56
C ARG B 20 -4.53 -32.96 -16.91
N LEU B 21 -3.41 -32.38 -17.34
CA LEU B 21 -2.83 -32.68 -18.67
C LEU B 21 -2.57 -34.20 -18.72
N VAL B 22 -2.07 -34.78 -17.62
CA VAL B 22 -1.70 -36.23 -17.59
C VAL B 22 -2.96 -37.07 -17.45
N THR B 23 -3.67 -36.93 -16.33
CA THR B 23 -4.83 -37.80 -16.02
C THR B 23 -5.98 -37.60 -17.01
N GLY B 24 -6.11 -36.41 -17.63
CA GLY B 24 -7.21 -36.13 -18.56
C GLY B 24 -6.88 -36.59 -19.96
N GLY B 25 -5.61 -36.93 -20.19
CA GLY B 25 -5.12 -37.66 -21.39
C GLY B 25 -4.66 -36.73 -22.49
N LYS B 26 -4.54 -35.43 -22.19
CA LYS B 26 -4.04 -34.48 -23.22
C LYS B 26 -2.59 -34.79 -23.54
N ALA B 27 -1.74 -34.89 -22.52
CA ALA B 27 -0.36 -35.35 -22.66
C ALA B 27 -0.40 -36.87 -22.91
N VAL B 28 0.43 -37.31 -23.85
CA VAL B 28 0.47 -38.73 -24.33
C VAL B 28 1.91 -39.19 -24.26
N ALA B 29 2.13 -40.50 -24.39
CA ALA B 29 3.50 -41.06 -24.34
C ALA B 29 4.38 -40.23 -25.28
N GLY B 30 5.58 -39.83 -24.86
CA GLY B 30 6.48 -38.99 -25.68
C GLY B 30 6.33 -37.48 -25.39
N ASP B 31 5.32 -37.07 -24.62
CA ASP B 31 5.09 -35.62 -24.31
C ASP B 31 5.89 -35.26 -23.06
N THR B 32 6.12 -33.96 -22.85
CA THR B 32 6.94 -33.45 -21.74
C THR B 32 6.10 -32.40 -21.00
N ILE B 33 5.99 -32.55 -19.69
CA ILE B 33 5.46 -31.46 -18.79
C ILE B 33 6.63 -31.00 -17.90
N GLN B 34 7.10 -29.75 -18.09
CA GLN B 34 8.19 -29.15 -17.28
C GLN B 34 7.58 -28.10 -16.36
N LEU B 35 7.73 -28.32 -15.07
CA LEU B 35 7.21 -27.41 -14.00
C LEU B 35 8.43 -26.73 -13.36
N TYR B 36 8.41 -25.39 -13.27
CA TYR B 36 9.50 -24.61 -12.64
C TYR B 36 8.91 -23.84 -11.47
N GLU B 37 9.60 -23.90 -10.36
CA GLU B 37 9.16 -23.25 -9.11
C GLU B 37 10.32 -22.49 -8.50
N TRP B 38 10.12 -21.20 -8.22
CA TRP B 38 11.14 -20.34 -7.58
C TRP B 38 11.49 -20.94 -6.21
N GLY B 39 10.50 -21.42 -5.47
CA GLY B 39 10.69 -21.89 -4.08
C GLY B 39 11.24 -23.29 -4.06
N ASP B 40 11.22 -23.90 -2.88
CA ASP B 40 11.81 -25.23 -2.59
C ASP B 40 10.92 -25.97 -1.62
N TYR B 41 9.77 -26.44 -2.11
CA TYR B 41 8.68 -27.01 -1.31
C TYR B 41 9.00 -28.50 -1.11
N ALA B 42 8.46 -29.08 -0.05
CA ALA B 42 8.73 -30.49 0.32
C ALA B 42 7.67 -31.38 -0.35
N PHE B 43 7.94 -31.76 -1.59
CA PHE B 43 7.03 -32.63 -2.37
C PHE B 43 7.33 -34.11 -2.11
N ASP B 44 8.50 -34.42 -1.54
CA ASP B 44 9.08 -35.80 -1.48
C ASP B 44 9.33 -36.21 -0.02
N GLY B 45 8.42 -35.80 0.88
CA GLY B 45 8.43 -36.14 2.31
C GLY B 45 9.33 -35.22 3.13
N PRO B 46 9.29 -35.34 4.47
CA PRO B 46 10.22 -34.58 5.33
C PRO B 46 11.65 -34.54 4.81
N GLY B 47 12.28 -33.36 4.87
CA GLY B 47 13.65 -33.11 4.38
C GLY B 47 13.72 -32.78 2.90
N SER B 48 12.65 -32.97 2.13
CA SER B 48 12.67 -32.72 0.64
C SER B 48 12.43 -31.24 0.30
N GLY B 49 12.22 -30.38 1.29
CA GLY B 49 11.99 -28.95 1.00
C GLY B 49 12.12 -28.14 2.25
N THR B 50 11.78 -26.84 2.17
CA THR B 50 11.91 -25.91 3.32
C THR B 50 10.56 -25.66 4.00
N ARG B 51 9.47 -26.08 3.37
CA ARG B 51 8.08 -25.97 3.81
C ARG B 51 7.24 -26.89 2.94
N LEU B 52 6.08 -27.27 3.42
CA LEU B 52 5.12 -28.08 2.64
C LEU B 52 4.69 -27.25 1.44
N PRO B 53 4.31 -27.90 0.32
CA PRO B 53 3.76 -27.15 -0.82
C PRO B 53 2.37 -26.63 -0.45
N ALA B 54 1.81 -25.64 -1.19
CA ALA B 54 2.36 -25.05 -2.40
C ALA B 54 1.86 -23.59 -2.48
N GLY B 55 2.75 -22.70 -2.87
CA GLY B 55 2.45 -21.25 -2.97
C GLY B 55 1.82 -20.70 -1.70
N ARG B 56 0.60 -20.15 -1.75
CA ARG B 56 -0.03 -19.51 -0.56
C ARG B 56 -0.77 -20.53 0.33
N ILE B 57 -0.79 -21.82 -0.02
CA ILE B 57 -1.29 -22.90 0.88
C ILE B 57 -0.05 -23.43 1.65
N VAL B 58 -0.03 -23.39 2.99
CA VAL B 58 1.14 -23.99 3.69
C VAL B 58 0.67 -24.43 5.07
N THR B 59 0.52 -25.76 5.21
CA THR B 59 0.21 -26.40 6.51
C THR B 59 1.53 -26.35 7.27
N HIS B 60 1.48 -25.82 8.51
CA HIS B 60 2.68 -25.75 9.36
C HIS B 60 2.48 -26.62 10.59
N PHE B 61 3.27 -27.69 10.66
CA PHE B 61 3.29 -28.62 11.83
C PHE B 61 4.23 -28.02 12.89
N CYS B 62 3.77 -28.06 14.11
CA CYS B 62 4.56 -27.60 15.27
C CYS B 62 5.81 -28.46 15.33
N ASN B 63 6.97 -27.82 15.44
CA ASN B 63 8.30 -28.50 15.52
C ASN B 63 8.66 -29.14 14.16
N ASP B 64 8.05 -28.74 13.04
CA ASP B 64 8.22 -29.43 11.73
C ASP B 64 8.05 -30.96 11.96
N ASP B 65 7.18 -31.32 12.88
CA ASP B 65 6.86 -32.73 13.25
C ASP B 65 5.56 -33.09 12.57
N PRO B 66 5.57 -33.94 11.52
CA PRO B 66 4.35 -34.24 10.80
C PRO B 66 3.27 -34.95 11.64
N LYS B 67 3.56 -35.39 12.86
CA LYS B 67 2.52 -36.04 13.71
C LYS B 67 1.85 -35.02 14.65
N GLN B 68 2.36 -33.79 14.70
CA GLN B 68 1.89 -32.78 15.69
C GLN B 68 0.57 -32.14 15.27
N SER B 69 0.06 -31.27 16.15
CA SER B 69 -0.88 -30.19 15.82
C SER B 69 -0.28 -29.34 14.69
N TYR B 70 -1.14 -28.79 13.84
CA TYR B 70 -0.74 -27.87 12.74
C TYR B 70 -1.68 -26.67 12.76
N ILE B 71 -1.24 -25.60 12.14
CA ILE B 71 -2.10 -24.44 11.84
C ILE B 71 -1.88 -24.14 10.36
N GLU B 72 -2.95 -23.83 9.66
CA GLU B 72 -2.83 -23.55 8.21
C GLU B 72 -2.30 -22.13 8.12
N ALA B 73 -1.03 -22.00 7.74
CA ALA B 73 -0.24 -20.76 7.72
C ALA B 73 -0.51 -20.03 6.39
N GLY B 74 -1.34 -20.62 5.55
CA GLY B 74 -1.87 -20.07 4.28
C GLY B 74 -3.36 -20.37 4.22
N GLY B 75 -3.89 -20.75 3.07
CA GLY B 75 -5.31 -21.15 3.00
C GLY B 75 -5.63 -22.34 3.88
N MET B 76 -6.82 -22.39 4.52
CA MET B 76 -7.13 -23.34 5.65
C MET B 76 -8.40 -24.22 5.44
N ARG B 77 -9.37 -23.82 4.60
CA ARG B 77 -10.67 -24.55 4.50
C ARG B 77 -11.22 -24.48 3.06
N PHE B 78 -12.23 -25.28 2.75
CA PHE B 78 -12.93 -25.20 1.46
C PHE B 78 -14.42 -25.40 1.70
N ILE B 79 -15.21 -25.19 0.65
CA ILE B 79 -16.69 -25.41 0.68
C ILE B 79 -16.97 -26.65 -0.14
N GLU B 80 -17.56 -27.67 0.47
CA GLU B 80 -17.76 -28.94 -0.24
C GLU B 80 -18.75 -28.69 -1.37
N TRP B 81 -18.46 -29.26 -2.51
CA TRP B 81 -19.40 -29.23 -3.66
C TRP B 81 -20.68 -29.98 -3.29
N ASP B 82 -21.79 -29.27 -3.48
CA ASP B 82 -23.16 -29.83 -3.35
C ASP B 82 -23.76 -29.83 -4.76
N GLY B 83 -23.68 -30.96 -5.47
CA GLY B 83 -24.17 -31.01 -6.86
C GLY B 83 -25.67 -30.77 -6.94
N THR B 84 -26.41 -31.04 -5.85
CA THR B 84 -27.91 -30.93 -5.84
C THR B 84 -28.24 -29.44 -5.76
N LYS B 85 -27.36 -28.64 -5.14
CA LYS B 85 -27.50 -27.17 -5.00
C LYS B 85 -26.75 -26.43 -6.11
N SER B 86 -25.89 -27.12 -6.86
CA SER B 86 -24.91 -26.49 -7.79
C SER B 86 -24.09 -25.40 -7.08
N GLN B 87 -23.63 -25.66 -5.87
CA GLN B 87 -22.93 -24.65 -5.05
C GLN B 87 -21.76 -25.30 -4.30
N GLY B 88 -20.67 -24.58 -4.24
CA GLY B 88 -19.48 -25.02 -3.47
C GLY B 88 -18.31 -25.16 -4.39
N HIS B 89 -17.19 -25.61 -3.90
CA HIS B 89 -15.93 -25.62 -4.66
C HIS B 89 -15.86 -26.94 -5.44
N GLN B 90 -16.38 -26.90 -6.66
CA GLN B 90 -16.61 -28.13 -7.44
C GLN B 90 -15.27 -28.78 -7.74
N LEU B 91 -14.30 -28.08 -8.31
CA LEU B 91 -13.03 -28.68 -8.74
C LEU B 91 -12.23 -29.12 -7.50
N VAL B 92 -12.27 -28.36 -6.41
CA VAL B 92 -11.48 -28.78 -5.22
C VAL B 92 -12.10 -30.10 -4.74
N THR B 93 -13.41 -30.17 -4.72
CA THR B 93 -14.11 -31.39 -4.19
C THR B 93 -13.77 -32.59 -5.09
N LEU B 94 -13.88 -32.42 -6.40
CA LEU B 94 -13.59 -33.52 -7.37
C LEU B 94 -12.13 -33.96 -7.25
N THR B 95 -11.21 -33.01 -7.07
CA THR B 95 -9.76 -33.26 -7.08
C THR B 95 -9.44 -34.01 -5.78
N ILE B 96 -10.04 -33.61 -4.66
CA ILE B 96 -9.84 -34.29 -3.35
C ILE B 96 -10.32 -35.75 -3.51
N GLN B 97 -11.54 -35.98 -4.02
CA GLN B 97 -12.08 -37.34 -4.31
C GLN B 97 -11.10 -38.10 -5.23
N ALA B 98 -10.69 -37.50 -6.33
CA ALA B 98 -9.86 -38.16 -7.36
C ALA B 98 -8.52 -38.55 -6.75
N LEU B 99 -8.04 -37.79 -5.76
CA LEU B 99 -6.69 -38.05 -5.19
C LEU B 99 -6.76 -39.12 -4.10
N GLY B 100 -7.95 -39.60 -3.75
CA GLY B 100 -8.12 -40.60 -2.68
C GLY B 100 -8.18 -39.96 -1.31
N LEU B 101 -8.41 -38.64 -1.19
CA LEU B 101 -8.37 -37.90 0.10
C LEU B 101 -9.78 -37.61 0.65
N SER B 102 -10.88 -38.07 0.04
CA SER B 102 -12.24 -37.77 0.54
C SER B 102 -12.38 -38.25 1.98
N GLY B 103 -11.76 -39.38 2.34
CA GLY B 103 -11.78 -39.95 3.71
C GLY B 103 -11.24 -39.02 4.78
N LYS B 104 -10.41 -38.06 4.38
CA LYS B 104 -9.72 -37.15 5.34
C LYS B 104 -10.51 -35.84 5.49
N VAL B 105 -11.56 -35.64 4.70
CA VAL B 105 -12.38 -34.39 4.79
C VAL B 105 -13.16 -34.40 6.10
N ILE B 106 -13.14 -33.29 6.82
CA ILE B 106 -13.84 -33.15 8.12
C ILE B 106 -14.49 -31.76 8.16
N ASP B 107 -15.44 -31.57 9.07
CA ASP B 107 -16.16 -30.30 9.30
C ASP B 107 -15.15 -29.25 9.77
N PHE B 108 -15.28 -28.03 9.26
CA PHE B 108 -14.61 -26.83 9.80
C PHE B 108 -15.70 -25.99 10.43
N ASN B 109 -15.91 -26.13 11.74
CA ASN B 109 -17.08 -25.51 12.39
C ASN B 109 -16.65 -24.15 12.98
N THR B 110 -17.45 -23.14 12.69
CA THR B 110 -17.32 -21.78 13.25
C THR B 110 -18.44 -21.58 14.28
N THR B 111 -18.19 -20.71 15.27
CA THR B 111 -19.13 -20.39 16.36
C THR B 111 -20.30 -19.60 15.75
N ASP B 112 -21.52 -19.88 16.22
CA ASP B 112 -22.74 -19.11 15.88
C ASP B 112 -22.76 -17.81 16.69
N ASN B 113 -21.84 -17.71 17.67
CA ASN B 113 -21.90 -16.64 18.68
C ASN B 113 -20.49 -16.08 18.89
N PRO B 114 -19.89 -15.48 17.86
CA PRO B 114 -18.53 -14.97 18.01
C PRO B 114 -18.46 -13.82 19.02
N LEU B 115 -17.38 -13.83 19.79
CA LEU B 115 -16.99 -12.68 20.64
C LEU B 115 -16.55 -11.53 19.72
N LEU B 116 -17.11 -10.35 19.98
CA LEU B 116 -16.75 -9.06 19.31
C LEU B 116 -16.00 -8.21 20.32
N PHE B 117 -14.77 -7.79 20.02
CA PHE B 117 -14.07 -6.81 20.88
C PHE B 117 -13.98 -5.54 20.05
N LEU B 118 -14.75 -4.53 20.44
CA LEU B 118 -15.04 -3.33 19.63
C LEU B 118 -14.97 -2.11 20.54
N ARG B 119 -14.05 -1.18 20.28
CA ARG B 119 -13.89 0.07 21.03
C ARG B 119 -13.94 -0.20 22.55
N GLU B 120 -13.15 -1.17 22.98
CA GLU B 120 -12.88 -1.56 24.39
C GLU B 120 -14.12 -2.19 25.01
N GLU B 121 -15.12 -2.55 24.20
CA GLU B 121 -16.28 -3.34 24.71
C GLU B 121 -16.20 -4.79 24.24
N HIS B 122 -16.69 -5.71 25.08
CA HIS B 122 -16.76 -7.15 24.79
C HIS B 122 -18.22 -7.50 24.63
N ILE B 123 -18.61 -7.89 23.43
CA ILE B 123 -20.02 -8.20 23.14
C ILE B 123 -20.04 -9.52 22.38
N TYR B 124 -20.63 -10.56 22.96
CA TYR B 124 -20.96 -11.78 22.16
C TYR B 124 -22.07 -11.40 21.19
N GLN B 125 -21.93 -11.85 19.94
CA GLN B 125 -22.78 -11.38 18.82
C GLN B 125 -24.26 -11.63 19.16
N ASN B 126 -24.58 -12.72 19.83
CA ASN B 126 -26.00 -12.99 20.23
C ASN B 126 -26.56 -11.88 21.13
N ASP B 127 -25.72 -11.14 21.82
CA ASP B 127 -26.14 -10.17 22.87
C ASP B 127 -26.32 -8.75 22.30
N LEU B 128 -26.13 -8.55 21.00
CA LEU B 128 -26.20 -7.18 20.40
C LEU B 128 -27.57 -6.53 20.62
N ALA B 129 -28.66 -7.31 20.67
CA ALA B 129 -30.00 -6.69 20.84
C ALA B 129 -30.03 -6.02 22.21
N THR B 130 -29.27 -6.53 23.19
CA THR B 130 -29.25 -6.05 24.60
C THR B 130 -28.00 -5.22 24.92
N HIS B 131 -26.89 -5.41 24.20
CA HIS B 131 -25.63 -4.65 24.41
C HIS B 131 -25.24 -4.15 23.03
N PRO B 132 -25.77 -2.99 22.59
CA PRO B 132 -25.52 -2.50 21.23
C PRO B 132 -24.02 -2.22 21.02
N ALA B 133 -23.60 -2.46 19.80
CA ALA B 133 -22.21 -2.16 19.40
C ALA B 133 -21.99 -0.65 19.55
N PRO B 134 -20.77 -0.25 19.96
CA PRO B 134 -20.43 1.13 20.25
C PRO B 134 -20.09 1.97 19.01
N TYR B 135 -20.99 1.95 18.03
CA TYR B 135 -20.88 2.65 16.73
C TYR B 135 -22.17 3.46 16.60
N ASN B 136 -22.06 4.73 16.16
CA ASN B 136 -23.19 5.66 16.06
C ASN B 136 -23.87 5.45 14.70
N THR B 137 -24.46 4.26 14.58
CA THR B 137 -25.15 3.76 13.38
C THR B 137 -26.50 3.21 13.84
N PRO B 138 -27.50 4.10 14.07
CA PRO B 138 -28.82 3.69 14.54
C PRO B 138 -29.45 2.57 13.69
N GLY B 139 -30.12 1.63 14.33
CA GLY B 139 -30.68 0.43 13.69
C GLY B 139 -29.64 -0.66 13.69
N ASN B 140 -28.54 -0.35 12.99
CA ASN B 140 -27.58 -1.40 12.61
C ASN B 140 -26.83 -1.93 13.82
N ASN B 141 -26.58 -1.11 14.82
CA ASN B 141 -25.67 -1.52 15.94
C ASN B 141 -26.32 -2.52 16.90
N GLU B 142 -27.55 -2.94 16.68
CA GLU B 142 -28.25 -3.96 17.53
C GLU B 142 -28.42 -5.26 16.76
N GLN B 143 -27.83 -5.35 15.56
CA GLN B 143 -27.91 -6.51 14.66
C GLN B 143 -26.48 -6.93 14.36
N PRO B 144 -26.23 -8.21 14.06
CA PRO B 144 -24.95 -8.63 13.51
C PRO B 144 -24.65 -7.79 12.26
N ALA B 145 -23.39 -7.54 12.03
CA ALA B 145 -22.91 -6.86 10.80
C ALA B 145 -23.51 -7.51 9.55
N ALA B 146 -23.69 -8.84 9.52
CA ALA B 146 -24.29 -9.54 8.36
C ALA B 146 -25.60 -8.85 7.92
N THR B 147 -26.43 -8.37 8.84
CA THR B 147 -27.72 -7.75 8.49
C THR B 147 -27.45 -6.49 7.63
N LEU B 148 -26.48 -5.68 8.05
CA LEU B 148 -26.11 -4.46 7.30
C LEU B 148 -25.48 -4.84 5.95
N PHE B 149 -24.65 -5.89 5.89
CA PHE B 149 -24.11 -6.35 4.59
C PHE B 149 -25.28 -6.68 3.67
N SER B 150 -26.24 -7.48 4.17
CA SER B 150 -27.39 -7.92 3.35
C SER B 150 -28.18 -6.69 2.89
N ASN B 151 -28.40 -5.72 3.77
CA ASN B 151 -29.20 -4.52 3.46
C ASN B 151 -28.48 -3.72 2.34
N ILE B 152 -27.18 -3.49 2.47
CA ILE B 152 -26.44 -2.71 1.46
C ILE B 152 -26.45 -3.48 0.13
N SER B 153 -26.23 -4.78 0.16
CA SER B 153 -26.26 -5.57 -1.10
C SER B 153 -27.61 -5.36 -1.80
N ALA B 154 -28.70 -5.39 -1.03
CA ALA B 154 -30.07 -5.30 -1.60
C ALA B 154 -30.30 -3.89 -2.17
N LEU B 155 -29.70 -2.84 -1.60
CA LEU B 155 -29.82 -1.45 -2.14
C LEU B 155 -29.10 -1.39 -3.49
N ILE B 156 -28.09 -2.25 -3.71
CA ILE B 156 -27.28 -2.27 -4.96
C ILE B 156 -27.96 -3.18 -5.99
N THR B 157 -28.40 -4.38 -5.59
CA THR B 157 -28.89 -5.38 -6.56
C THR B 157 -30.37 -5.13 -6.87
N GLY B 158 -31.10 -4.44 -6.00
CA GLY B 158 -32.54 -4.15 -6.24
C GLY B 158 -33.27 -5.44 -6.60
N ASP B 159 -33.90 -5.49 -7.77
CA ASP B 159 -34.77 -6.63 -8.16
C ASP B 159 -33.99 -7.63 -9.04
N ALA B 160 -32.71 -7.41 -9.33
CA ALA B 160 -31.91 -8.27 -10.22
C ALA B 160 -31.72 -9.65 -9.62
N PRO B 161 -31.86 -10.73 -10.44
CA PRO B 161 -31.62 -12.08 -9.93
C PRO B 161 -30.12 -12.24 -9.67
N VAL B 162 -29.74 -12.65 -8.46
CA VAL B 162 -28.30 -12.79 -8.04
C VAL B 162 -28.10 -14.02 -7.15
N SER B 163 -28.89 -15.07 -7.35
CA SER B 163 -28.84 -16.34 -6.56
C SER B 163 -27.86 -17.35 -7.16
N THR B 164 -27.78 -17.44 -8.48
CA THR B 164 -26.93 -18.46 -9.12
C THR B 164 -25.61 -17.82 -9.52
N ARG B 165 -24.63 -18.68 -9.65
CA ARG B 165 -23.32 -18.26 -10.14
C ARG B 165 -23.46 -17.60 -11.51
N THR B 166 -24.34 -18.07 -12.41
CA THR B 166 -24.48 -17.48 -13.76
C THR B 166 -25.14 -16.07 -13.68
N GLN B 167 -26.18 -15.94 -12.87
CA GLN B 167 -26.89 -14.65 -12.55
C GLN B 167 -25.89 -13.66 -11.94
N GLN B 168 -25.03 -14.15 -11.05
CA GLN B 168 -24.00 -13.31 -10.38
C GLN B 168 -23.04 -12.82 -11.44
N CYS B 169 -22.52 -13.71 -12.26
CA CYS B 169 -21.61 -13.33 -13.37
C CYS B 169 -22.28 -12.26 -14.23
N ALA B 170 -23.55 -12.43 -14.55
CA ALA B 170 -24.23 -11.46 -15.42
C ALA B 170 -24.36 -10.09 -14.74
N PHE B 171 -24.58 -10.06 -13.44
CA PHE B 171 -24.67 -8.80 -12.68
C PHE B 171 -23.36 -8.02 -12.77
N TYR B 172 -22.23 -8.71 -12.82
CA TYR B 172 -20.92 -8.01 -12.85
C TYR B 172 -20.89 -7.06 -14.04
N GLY B 173 -21.44 -7.51 -15.18
CA GLY B 173 -21.36 -6.77 -16.44
C GLY B 173 -22.57 -5.89 -16.68
N SER B 174 -23.76 -6.29 -16.24
CA SER B 174 -25.02 -5.55 -16.56
C SER B 174 -25.74 -5.01 -15.34
N GLY B 175 -25.24 -5.24 -14.11
CA GLY B 175 -25.92 -4.82 -12.89
C GLY B 175 -25.91 -3.32 -12.79
N ARG B 176 -27.08 -2.74 -12.50
CA ARG B 176 -27.22 -1.30 -12.30
C ARG B 176 -27.87 -1.10 -10.95
N LEU B 177 -27.50 0.02 -10.31
CA LEU B 177 -28.23 0.51 -9.14
C LEU B 177 -29.67 0.67 -9.58
N PRO B 178 -30.61 0.25 -8.72
CA PRO B 178 -32.01 0.32 -9.10
C PRO B 178 -32.48 1.76 -9.27
N SER B 179 -33.62 1.93 -9.97
CA SER B 179 -34.27 3.24 -10.22
C SER B 179 -34.56 3.94 -8.90
N THR B 180 -34.65 3.20 -7.79
CA THR B 180 -34.98 3.69 -6.43
C THR B 180 -33.72 4.02 -5.62
N PHE B 181 -32.52 3.86 -6.17
CA PHE B 181 -31.31 4.18 -5.38
C PHE B 181 -31.39 5.64 -4.89
N ASN B 182 -31.06 5.88 -3.62
CA ASN B 182 -31.19 7.21 -3.01
C ASN B 182 -29.81 7.65 -2.56
N SER B 183 -29.23 8.59 -3.30
CA SER B 183 -27.84 9.05 -3.08
C SER B 183 -27.64 10.46 -3.60
N PHE B 184 -26.83 11.25 -2.93
CA PHE B 184 -26.27 12.49 -3.48
C PHE B 184 -25.12 12.19 -4.45
N VAL B 185 -24.47 11.02 -4.30
CA VAL B 185 -23.19 10.67 -4.98
C VAL B 185 -23.43 9.85 -6.26
N TYR B 186 -24.24 8.81 -6.19
CA TYR B 186 -24.43 7.87 -7.31
C TYR B 186 -25.86 7.95 -7.84
N PRO B 187 -26.03 8.24 -9.11
CA PRO B 187 -27.37 8.31 -9.70
C PRO B 187 -27.99 6.94 -9.84
N PRO B 188 -29.34 6.84 -9.78
CA PRO B 188 -30.01 5.60 -10.12
C PRO B 188 -29.60 5.10 -11.50
N GLY B 189 -29.54 3.78 -11.64
CA GLY B 189 -29.19 3.14 -12.91
C GLY B 189 -27.69 3.21 -13.20
N SER B 190 -26.86 3.72 -12.28
CA SER B 190 -25.37 3.69 -12.41
C SER B 190 -24.90 2.23 -12.61
N ILE B 191 -23.88 2.01 -13.45
CA ILE B 191 -23.25 0.69 -13.64
C ILE B 191 -22.52 0.29 -12.36
N ALA B 192 -22.99 -0.75 -11.67
CA ALA B 192 -22.46 -1.13 -10.34
C ALA B 192 -20.98 -1.51 -10.46
N GLY B 193 -20.55 -2.07 -11.60
CA GLY B 193 -19.14 -2.43 -11.83
C GLY B 193 -18.19 -1.24 -11.92
N ASN B 194 -18.72 -0.03 -12.03
CA ASN B 194 -17.91 1.20 -12.08
C ASN B 194 -17.87 1.91 -10.73
N ILE B 195 -18.35 1.22 -9.69
CA ILE B 195 -18.47 1.81 -8.33
C ILE B 195 -17.59 1.00 -7.38
N GLY B 196 -16.92 1.73 -6.48
CA GLY B 196 -16.15 1.09 -5.38
C GLY B 196 -17.07 0.65 -4.26
N TYR B 197 -16.99 -0.59 -3.83
CA TYR B 197 -17.89 -1.13 -2.78
C TYR B 197 -17.82 -0.26 -1.51
N TRP B 198 -16.58 0.03 -1.05
CA TRP B 198 -16.43 0.86 0.17
C TRP B 198 -17.00 2.24 -0.09
N ASN B 199 -16.73 2.85 -1.26
CA ASN B 199 -17.29 4.17 -1.58
C ASN B 199 -18.82 4.17 -1.43
N VAL B 200 -19.51 3.21 -2.01
CA VAL B 200 -21.00 3.18 -1.96
C VAL B 200 -21.53 2.71 -0.60
N PHE B 201 -20.83 1.81 0.09
CA PHE B 201 -21.21 1.38 1.47
C PHE B 201 -21.19 2.61 2.38
N TYR B 202 -20.09 3.34 2.31
CA TYR B 202 -19.88 4.64 3.00
C TYR B 202 -21.01 5.64 2.70
N ASP B 203 -21.35 5.78 1.41
CA ASP B 203 -22.42 6.71 0.98
C ASP B 203 -23.75 6.32 1.62
N GLN B 204 -24.05 5.01 1.64
CA GLN B 204 -25.39 4.50 2.02
C GLN B 204 -25.49 4.36 3.54
N ALA B 205 -24.41 4.00 4.23
CA ALA B 205 -24.51 3.68 5.67
C ALA B 205 -23.70 4.65 6.53
N GLY B 206 -22.94 5.57 5.93
CA GLY B 206 -22.11 6.52 6.68
C GLY B 206 -20.82 5.87 7.19
N ASN B 207 -19.91 6.67 7.73
CA ASN B 207 -18.61 6.15 8.20
C ASN B 207 -18.84 5.19 9.37
N GLU B 208 -19.82 5.43 10.26
CA GLU B 208 -20.01 4.54 11.43
C GLU B 208 -20.58 3.19 10.98
N GLY B 209 -21.49 3.15 10.01
CA GLY B 209 -22.02 1.89 9.46
C GLY B 209 -20.91 1.10 8.79
N TYR B 210 -20.09 1.78 7.96
CA TYR B 210 -18.98 1.11 7.29
C TYR B 210 -18.01 0.57 8.36
N GLU B 211 -17.62 1.38 9.33
CA GLU B 211 -16.63 0.97 10.33
C GLU B 211 -17.18 -0.24 11.10
N TYR B 212 -18.47 -0.22 11.42
CA TYR B 212 -19.05 -1.37 12.16
C TYR B 212 -18.94 -2.63 11.30
N ALA B 213 -19.35 -2.52 10.05
CA ALA B 213 -19.32 -3.68 9.13
C ALA B 213 -17.88 -4.19 8.96
N ALA B 214 -16.90 -3.30 8.80
CA ALA B 214 -15.49 -3.65 8.56
C ALA B 214 -14.89 -4.32 9.81
N ASP B 215 -15.31 -3.88 10.98
CA ASP B 215 -14.74 -4.34 12.28
C ASP B 215 -15.45 -5.59 12.78
N ALA B 216 -16.75 -5.69 12.60
CA ALA B 216 -17.56 -6.74 13.25
C ALA B 216 -18.03 -7.78 12.23
N GLY B 217 -17.73 -7.63 10.94
CA GLY B 217 -18.09 -8.65 9.93
C GLY B 217 -17.30 -9.96 10.02
N GLY B 218 -17.88 -11.06 9.56
CA GLY B 218 -17.18 -12.38 9.49
C GLY B 218 -16.00 -12.37 8.53
N TYR B 219 -15.22 -13.47 8.45
CA TYR B 219 -14.01 -13.57 7.59
C TYR B 219 -14.42 -13.70 6.11
N THR B 220 -15.67 -14.11 5.83
CA THR B 220 -16.27 -14.11 4.47
C THR B 220 -16.45 -12.67 3.95
N SER B 221 -16.86 -11.75 4.84
CA SER B 221 -17.18 -10.33 4.55
C SER B 221 -15.91 -9.58 4.15
N ASN B 222 -15.92 -8.80 3.06
CA ASN B 222 -14.67 -8.30 2.44
C ASN B 222 -14.39 -6.82 2.82
N VAL B 223 -15.27 -5.88 2.47
CA VAL B 223 -15.33 -4.41 2.81
C VAL B 223 -14.28 -3.54 2.11
N ILE B 224 -13.31 -4.12 1.42
CA ILE B 224 -12.30 -3.30 0.72
C ILE B 224 -13.03 -2.62 -0.45
N ASN B 225 -12.38 -1.61 -1.03
CA ASN B 225 -13.01 -0.81 -2.12
C ASN B 225 -12.96 -1.51 -3.48
N TRP B 226 -13.44 -2.74 -3.54
CA TRP B 226 -13.45 -3.56 -4.77
C TRP B 226 -14.71 -3.29 -5.59
N ASN B 227 -14.81 -3.99 -6.71
CA ASN B 227 -15.94 -3.87 -7.66
C ASN B 227 -17.30 -4.02 -6.96
N ALA B 228 -18.13 -2.96 -6.93
CA ALA B 228 -19.37 -2.98 -6.13
C ALA B 228 -20.34 -4.03 -6.69
N ALA B 229 -20.36 -4.27 -7.99
CA ALA B 229 -21.25 -5.31 -8.56
C ALA B 229 -20.90 -6.67 -7.98
N ASN B 230 -19.63 -7.04 -8.01
CA ASN B 230 -19.19 -8.34 -7.46
C ASN B 230 -19.36 -8.34 -5.94
N ALA B 231 -18.98 -7.28 -5.24
CA ALA B 231 -19.00 -7.24 -3.75
C ALA B 231 -20.46 -7.37 -3.33
N ALA B 232 -21.40 -6.74 -4.01
CA ALA B 232 -22.82 -6.82 -3.61
C ALA B 232 -23.29 -8.26 -3.70
N VAL B 233 -22.96 -8.98 -4.75
CA VAL B 233 -23.47 -10.37 -4.92
C VAL B 233 -22.68 -11.33 -4.03
N TYR B 234 -21.45 -11.01 -3.61
CA TYR B 234 -20.64 -11.93 -2.77
C TYR B 234 -20.79 -11.59 -1.28
N ASN B 235 -21.39 -10.46 -0.89
CA ASN B 235 -21.62 -10.05 0.54
C ASN B 235 -23.11 -10.10 0.89
N GLY B 236 -23.99 -10.36 -0.08
CA GLY B 236 -25.45 -10.23 0.09
C GLY B 236 -26.06 -11.47 0.72
N GLU B 237 -27.38 -11.43 0.85
CA GLU B 237 -28.18 -12.54 1.39
C GLU B 237 -27.97 -13.79 0.53
N PHE B 238 -27.79 -13.63 -0.78
CA PHE B 238 -27.74 -14.74 -1.76
C PHE B 238 -26.30 -15.01 -2.20
N ALA B 239 -25.33 -14.57 -1.41
CA ALA B 239 -23.89 -14.87 -1.60
C ALA B 239 -23.71 -16.38 -1.75
N PRO B 240 -22.74 -16.83 -2.56
CA PRO B 240 -22.35 -18.23 -2.63
C PRO B 240 -22.02 -18.72 -1.22
N GLY B 241 -22.56 -19.88 -0.87
CA GLY B 241 -22.44 -20.44 0.48
C GLY B 241 -22.06 -21.90 0.42
N GLY B 242 -22.33 -22.61 1.51
CA GLY B 242 -22.05 -24.05 1.61
C GLY B 242 -21.38 -24.36 2.93
N ALA B 243 -21.33 -25.65 3.26
CA ALA B 243 -20.61 -26.24 4.41
C ALA B 243 -19.09 -26.07 4.23
N PHE B 244 -18.46 -25.39 5.17
CA PHE B 244 -16.97 -25.35 5.29
C PHE B 244 -16.43 -26.71 5.74
N LYS B 245 -15.39 -27.16 5.06
CA LYS B 245 -14.65 -28.40 5.36
C LYS B 245 -13.17 -28.07 5.44
N THR B 246 -12.40 -28.94 6.07
CA THR B 246 -10.93 -28.92 5.85
C THR B 246 -10.51 -30.35 5.61
N VAL B 247 -9.24 -30.50 5.25
CA VAL B 247 -8.64 -31.83 5.01
C VAL B 247 -7.84 -32.15 6.28
N ASN B 248 -8.32 -33.13 7.05
CA ASN B 248 -7.60 -33.59 8.25
C ASN B 248 -6.14 -33.87 7.88
N GLY B 249 -5.18 -33.33 8.62
CA GLY B 249 -3.75 -33.48 8.31
C GLY B 249 -3.23 -32.37 7.39
N GLY B 250 -4.11 -31.44 7.04
CA GLY B 250 -3.67 -30.21 6.33
C GLY B 250 -4.07 -30.19 4.88
N TYR B 251 -4.28 -28.98 4.38
CA TYR B 251 -4.62 -28.70 2.99
C TYR B 251 -3.40 -29.00 2.11
N SER B 252 -2.20 -28.83 2.65
CA SER B 252 -0.93 -29.04 1.91
C SER B 252 -0.85 -30.45 1.30
N GLN B 253 -1.41 -31.48 1.95
CA GLN B 253 -1.27 -32.85 1.36
C GLN B 253 -1.96 -32.91 -0.01
N VAL B 254 -2.92 -32.04 -0.27
CA VAL B 254 -3.58 -32.04 -1.61
C VAL B 254 -2.50 -31.78 -2.64
N PHE B 255 -1.57 -30.85 -2.37
CA PHE B 255 -0.54 -30.39 -3.31
C PHE B 255 0.59 -31.42 -3.37
N VAL B 256 0.94 -32.07 -2.26
CA VAL B 256 1.88 -33.21 -2.27
C VAL B 256 1.27 -34.27 -3.19
N GLN B 257 -0.01 -34.61 -3.04
CA GLN B 257 -0.67 -35.72 -3.79
C GLN B 257 -0.82 -35.31 -5.27
N LEU B 258 -1.20 -34.07 -5.55
CA LEU B 258 -1.27 -33.67 -6.98
C LEU B 258 0.08 -33.96 -7.60
N TYR B 259 1.16 -33.58 -6.96
CA TYR B 259 2.50 -33.82 -7.50
C TYR B 259 2.78 -35.33 -7.59
N GLN B 260 2.61 -36.07 -6.49
CA GLN B 260 3.00 -37.50 -6.45
C GLN B 260 2.16 -38.25 -7.49
N GLN B 261 0.84 -38.01 -7.50
CA GLN B 261 -0.14 -38.77 -8.34
C GLN B 261 0.01 -38.34 -9.80
N THR B 262 0.44 -37.10 -10.06
CA THR B 262 0.83 -36.65 -11.44
C THR B 262 2.02 -37.46 -11.91
N LEU B 263 3.03 -37.63 -11.05
CA LEU B 263 4.28 -38.36 -11.36
C LEU B 263 3.95 -39.83 -11.61
N ALA B 264 3.08 -40.46 -10.80
CA ALA B 264 2.72 -41.89 -10.97
C ALA B 264 1.87 -42.10 -12.23
N ALA B 265 0.86 -41.25 -12.49
CA ALA B 265 0.05 -41.31 -13.72
C ALA B 265 0.95 -41.08 -14.94
N ALA B 266 1.97 -40.24 -14.81
CA ALA B 266 2.84 -39.87 -15.95
C ALA B 266 3.66 -41.10 -16.34
N GLN B 267 4.25 -41.77 -15.35
CA GLN B 267 5.04 -42.99 -15.53
C GLN B 267 4.18 -44.01 -16.26
N GLU B 268 2.95 -44.25 -15.81
CA GLU B 268 2.05 -45.22 -16.50
C GLU B 268 1.81 -44.78 -17.95
N ALA B 269 1.63 -43.48 -18.18
CA ALA B 269 1.20 -42.89 -19.49
C ALA B 269 2.41 -42.76 -20.43
N GLY B 270 3.63 -42.95 -19.96
CA GLY B 270 4.84 -42.63 -20.78
C GLY B 270 5.16 -41.13 -20.94
N VAL B 271 4.60 -40.27 -20.09
CA VAL B 271 4.77 -38.78 -20.16
C VAL B 271 5.88 -38.42 -19.18
N ALA B 272 6.89 -37.71 -19.65
CA ALA B 272 7.95 -37.14 -18.81
C ALA B 272 7.41 -35.91 -18.04
N PHE B 273 7.22 -36.06 -16.73
CA PHE B 273 6.76 -35.00 -15.80
C PHE B 273 7.86 -34.67 -14.81
N THR B 274 8.39 -33.45 -14.87
CA THR B 274 9.50 -33.02 -14.00
C THR B 274 9.09 -31.73 -13.29
N LEU B 275 9.51 -31.66 -12.03
CA LEU B 275 9.52 -30.44 -11.20
C LEU B 275 10.97 -29.97 -11.00
N THR B 276 11.27 -28.73 -11.40
CA THR B 276 12.60 -28.11 -11.24
C THR B 276 12.46 -26.93 -10.27
N GLN B 277 12.87 -27.14 -9.02
CA GLN B 277 12.68 -26.11 -7.97
C GLN B 277 13.92 -25.21 -7.86
N ARG B 278 13.81 -24.16 -7.05
CA ARG B 278 14.87 -23.13 -6.87
C ARG B 278 15.20 -22.51 -8.25
N THR B 279 14.20 -22.48 -9.13
CA THR B 279 14.37 -22.02 -10.53
C THR B 279 13.13 -21.23 -10.95
N ARG B 280 13.32 -19.94 -11.25
CA ARG B 280 12.20 -19.06 -11.57
C ARG B 280 12.23 -18.70 -13.05
N LEU B 281 11.04 -18.41 -13.57
CA LEU B 281 10.96 -17.62 -14.80
C LEU B 281 11.52 -16.23 -14.54
N HIS B 282 12.47 -15.82 -15.33
CA HIS B 282 13.14 -14.49 -15.27
C HIS B 282 12.48 -13.50 -16.22
N SER B 283 12.25 -13.89 -17.48
CA SER B 283 11.76 -13.00 -18.54
C SER B 283 11.05 -13.87 -19.56
N VAL B 284 10.04 -13.30 -20.21
CA VAL B 284 9.22 -14.04 -21.19
C VAL B 284 8.83 -13.04 -22.27
N TRP B 285 8.81 -13.48 -23.53
CA TRP B 285 8.32 -12.69 -24.65
C TRP B 285 7.91 -13.63 -25.77
N LEU B 286 7.46 -13.05 -26.88
CA LEU B 286 6.94 -13.86 -28.01
C LEU B 286 7.72 -13.52 -29.25
N GLU B 287 7.92 -14.53 -30.10
CA GLU B 287 8.24 -14.30 -31.53
C GLU B 287 7.12 -15.00 -32.30
N ASP B 288 6.13 -14.25 -32.79
CA ASP B 288 4.88 -14.86 -33.32
C ASP B 288 4.34 -15.83 -32.27
N ASP B 289 4.18 -17.13 -32.60
CA ASP B 289 3.51 -18.11 -31.71
C ASP B 289 4.55 -18.69 -30.74
N VAL B 290 5.83 -18.38 -30.92
CA VAL B 290 6.90 -19.05 -30.14
C VAL B 290 7.18 -18.27 -28.85
N VAL B 291 6.98 -18.93 -27.72
CA VAL B 291 7.30 -18.32 -26.39
C VAL B 291 8.83 -18.38 -26.16
N ASN B 292 9.47 -17.24 -25.94
CA ASN B 292 10.90 -17.16 -25.61
C ASN B 292 10.96 -16.89 -24.10
N TYR B 293 11.91 -17.46 -23.39
CA TYR B 293 11.97 -17.28 -21.93
C TYR B 293 13.39 -17.51 -21.45
N ARG B 294 13.70 -16.87 -20.33
CA ARG B 294 14.95 -17.12 -19.59
C ARG B 294 14.56 -17.53 -18.17
N LEU B 295 15.39 -18.38 -17.55
CA LEU B 295 15.25 -18.80 -16.14
C LEU B 295 16.35 -18.12 -15.32
N ALA B 296 16.09 -18.06 -14.04
CA ALA B 296 17.09 -17.63 -13.06
C ALA B 296 17.08 -18.56 -11.86
N SER B 297 18.27 -18.72 -11.27
CA SER B 297 18.41 -19.51 -10.01
C SER B 297 17.80 -18.74 -8.85
N ALA B 298 17.31 -19.41 -7.83
CA ALA B 298 16.88 -18.77 -6.58
C ALA B 298 18.05 -17.94 -6.00
N GLU B 299 19.29 -18.43 -6.15
CA GLU B 299 20.49 -17.75 -5.56
C GLU B 299 20.73 -16.38 -6.20
N ASN B 300 20.49 -16.26 -7.51
CA ASN B 300 20.70 -15.04 -8.30
C ASN B 300 19.46 -14.79 -9.14
N PRO B 301 18.34 -14.38 -8.49
CA PRO B 301 17.04 -14.38 -9.18
C PRO B 301 16.92 -13.35 -10.30
N PHE B 302 17.79 -12.36 -10.38
CA PHE B 302 17.66 -11.24 -11.37
C PHE B 302 18.48 -11.46 -12.63
N LYS B 303 19.26 -12.55 -12.71
CA LYS B 303 20.15 -12.72 -13.90
C LYS B 303 19.73 -13.99 -14.66
N GLY B 304 19.32 -13.74 -15.90
CA GLY B 304 18.73 -14.76 -16.78
C GLY B 304 19.79 -15.70 -17.33
N GLY B 305 19.36 -16.93 -17.57
CA GLY B 305 20.21 -17.92 -18.23
C GLY B 305 20.08 -17.81 -19.73
N ALA B 306 20.35 -18.90 -20.45
CA ALA B 306 20.21 -18.87 -21.90
C ALA B 306 18.73 -18.75 -22.29
N VAL B 307 18.50 -18.17 -23.46
CA VAL B 307 17.12 -18.04 -24.03
C VAL B 307 16.66 -19.45 -24.41
N GLN B 308 15.49 -19.84 -23.92
CA GLN B 308 14.79 -21.12 -24.18
C GLN B 308 13.50 -20.82 -24.97
N THR B 309 12.93 -21.81 -25.65
CA THR B 309 11.65 -21.66 -26.34
C THR B 309 10.73 -22.78 -25.93
N THR B 310 9.43 -22.51 -25.98
CA THR B 310 8.36 -23.51 -25.85
C THR B 310 7.18 -23.04 -26.68
N GLN B 311 6.33 -23.99 -27.06
CA GLN B 311 5.08 -23.63 -27.76
C GLN B 311 3.92 -23.47 -26.77
N ASN B 312 4.09 -23.83 -25.51
CA ASN B 312 3.01 -23.94 -24.52
C ASN B 312 3.57 -23.51 -23.16
N ALA B 313 3.18 -22.32 -22.72
CA ALA B 313 3.70 -21.72 -21.48
C ALA B 313 2.52 -21.29 -20.61
N PHE B 314 2.50 -21.70 -19.35
CA PHE B 314 1.48 -21.28 -18.38
C PHE B 314 2.17 -20.47 -17.29
N LEU B 315 1.76 -19.21 -17.16
CA LEU B 315 2.20 -18.35 -16.05
C LEU B 315 1.22 -18.54 -14.91
N ALA B 316 1.55 -19.47 -14.00
CA ALA B 316 0.68 -19.93 -12.91
C ALA B 316 1.09 -19.16 -11.66
N MET B 317 0.88 -17.84 -11.72
CA MET B 317 1.46 -16.99 -10.65
C MET B 317 0.64 -15.73 -10.52
N PRO B 318 0.58 -15.11 -9.31
CA PRO B 318 -0.23 -13.93 -9.11
C PRO B 318 0.34 -12.65 -9.71
N PRO B 319 -0.49 -11.56 -9.70
CA PRO B 319 -0.09 -10.27 -10.25
C PRO B 319 1.31 -9.81 -9.85
N ALA B 320 1.66 -9.84 -8.55
CA ALA B 320 2.98 -9.31 -8.11
C ALA B 320 4.11 -10.14 -8.69
N SER B 321 3.85 -11.45 -8.92
CA SER B 321 4.82 -12.35 -9.58
C SER B 321 4.94 -12.06 -11.09
N LEU B 322 3.80 -11.85 -11.74
CA LEU B 322 3.84 -11.36 -13.14
C LEU B 322 4.58 -10.02 -13.24
N ASP B 323 4.34 -9.09 -12.31
CA ASP B 323 5.04 -7.79 -12.36
C ASP B 323 6.56 -8.00 -12.36
N LEU B 324 7.11 -8.87 -11.49
CA LEU B 324 8.61 -9.04 -11.44
C LEU B 324 9.14 -9.61 -12.75
N VAL B 325 8.36 -10.48 -13.38
CA VAL B 325 8.76 -10.98 -14.75
C VAL B 325 8.68 -9.86 -15.77
N ALA B 326 7.59 -9.08 -15.78
CA ALA B 326 7.40 -8.02 -16.79
C ALA B 326 8.50 -6.96 -16.64
N GLU B 327 8.95 -6.68 -15.41
CA GLU B 327 10.02 -5.71 -15.15
C GLU B 327 11.32 -6.05 -15.91
N ALA B 328 11.57 -7.35 -16.16
CA ALA B 328 12.84 -7.87 -16.74
C ALA B 328 12.91 -7.55 -18.25
N THR B 329 11.78 -7.25 -18.92
CA THR B 329 11.80 -6.81 -20.36
C THR B 329 11.25 -5.40 -20.58
N ARG B 330 10.54 -4.82 -19.61
CA ARG B 330 9.87 -3.50 -19.75
C ARG B 330 10.85 -2.45 -20.29
N TYR B 331 12.10 -2.47 -19.82
CA TYR B 331 13.06 -1.38 -20.07
C TYR B 331 14.10 -1.86 -21.07
N ALA B 332 13.94 -3.07 -21.62
CA ALA B 332 15.00 -3.72 -22.45
C ALA B 332 14.79 -3.39 -23.93
N ASP B 333 15.90 -3.37 -24.67
CA ASP B 333 15.87 -3.32 -26.15
C ASP B 333 15.65 -4.76 -26.63
N MET B 334 14.42 -5.07 -27.01
CA MET B 334 14.03 -6.46 -27.35
C MET B 334 14.49 -6.79 -28.76
N PRO B 335 14.72 -8.07 -29.07
CA PRO B 335 15.07 -8.46 -30.43
C PRO B 335 14.02 -8.01 -31.47
N GLU B 336 14.44 -7.75 -32.71
CA GLU B 336 13.53 -7.45 -33.85
C GLU B 336 12.50 -8.59 -33.99
N GLY B 337 11.26 -8.21 -34.25
CA GLY B 337 10.15 -9.10 -34.58
C GLY B 337 9.54 -9.70 -33.34
N THR B 338 9.88 -9.20 -32.15
CA THR B 338 9.30 -9.80 -30.93
C THR B 338 8.19 -8.93 -30.36
N LEU B 339 7.38 -9.58 -29.55
CA LEU B 339 6.30 -8.93 -28.80
C LEU B 339 6.63 -9.11 -27.32
N ASP B 340 6.78 -7.99 -26.61
CA ASP B 340 7.02 -8.00 -25.14
C ASP B 340 5.65 -8.10 -24.48
N ILE B 341 5.07 -9.28 -24.54
CA ILE B 341 3.64 -9.52 -24.28
C ILE B 341 3.18 -8.95 -22.91
N LEU B 342 3.93 -9.19 -21.83
CA LEU B 342 3.40 -8.78 -20.51
C LEU B 342 3.36 -7.27 -20.41
N ASN B 343 4.11 -6.54 -21.24
CA ASN B 343 4.17 -5.06 -21.13
C ASN B 343 3.31 -4.40 -22.19
N ALA B 344 2.55 -5.18 -22.97
CA ALA B 344 1.61 -4.58 -23.95
C ALA B 344 0.57 -3.77 -23.19
N GLU B 345 0.12 -2.69 -23.79
CA GLU B 345 -0.83 -1.76 -23.11
C GLU B 345 -2.05 -2.52 -22.59
N GLY B 346 -2.73 -3.32 -23.43
CA GLY B 346 -3.99 -3.97 -23.02
C GLY B 346 -3.76 -5.01 -21.93
N VAL B 347 -2.60 -5.68 -21.98
CA VAL B 347 -2.23 -6.67 -20.97
C VAL B 347 -1.99 -5.95 -19.65
N GLN B 348 -1.21 -4.88 -19.66
CA GLN B 348 -0.94 -4.15 -18.40
C GLN B 348 -2.25 -3.61 -17.83
N LEU B 349 -3.15 -3.11 -18.69
CA LEU B 349 -4.44 -2.56 -18.27
C LEU B 349 -5.27 -3.66 -17.60
N TYR B 350 -5.38 -4.84 -18.22
CA TYR B 350 -6.22 -5.90 -17.66
C TYR B 350 -5.58 -6.47 -16.40
N MET B 351 -4.25 -6.49 -16.30
CA MET B 351 -3.59 -6.99 -15.06
C MET B 351 -4.02 -6.12 -13.86
N ASP B 352 -4.33 -4.85 -14.10
CA ASP B 352 -4.83 -3.92 -13.04
C ASP B 352 -6.35 -4.09 -12.78
N GLY B 353 -6.98 -5.12 -13.34
CA GLY B 353 -8.41 -5.39 -13.12
C GLY B 353 -8.66 -5.95 -11.74
N VAL B 354 -7.63 -6.18 -10.94
CA VAL B 354 -7.80 -6.60 -9.52
C VAL B 354 -7.02 -5.60 -8.65
N ILE B 355 -7.49 -5.45 -7.45
CA ILE B 355 -6.77 -4.75 -6.35
C ILE B 355 -6.24 -5.80 -5.40
N ARG B 356 -5.23 -5.42 -4.63
CA ARG B 356 -4.50 -6.34 -3.74
C ARG B 356 -4.79 -6.02 -2.29
N GLN B 357 -4.94 -7.07 -1.49
CA GLN B 357 -5.12 -6.95 -0.03
C GLN B 357 -3.96 -7.67 0.65
N PRO B 358 -3.15 -6.92 1.45
CA PRO B 358 -2.05 -7.53 2.17
C PRO B 358 -2.60 -8.32 3.36
N SER B 359 -1.89 -9.38 3.73
CA SER B 359 -2.29 -10.24 4.88
C SER B 359 -1.01 -10.72 5.58
N MET B 360 -1.10 -10.88 6.89
CA MET B 360 -0.01 -11.51 7.69
C MET B 360 -0.69 -12.42 8.72
N ARG B 361 -0.17 -13.64 8.85
CA ARG B 361 -0.72 -14.65 9.80
C ARG B 361 0.35 -15.00 10.81
N VAL B 362 -0.01 -14.95 12.08
CA VAL B 362 0.87 -15.36 13.19
C VAL B 362 0.28 -16.65 13.73
N MET B 363 1.12 -17.66 13.81
CA MET B 363 0.73 -19.04 14.20
C MET B 363 1.43 -19.33 15.52
N LEU B 364 0.63 -19.58 16.55
CA LEU B 364 1.19 -19.73 17.92
C LEU B 364 0.70 -21.06 18.49
N PHE B 365 1.66 -21.92 18.91
CA PHE B 365 1.32 -23.17 19.60
C PHE B 365 1.53 -23.01 21.11
N PHE B 366 0.54 -23.45 21.86
CA PHE B 366 0.60 -23.41 23.34
C PHE B 366 0.55 -24.82 23.92
N ASP B 367 1.12 -24.99 25.11
CA ASP B 367 1.10 -26.32 25.78
C ASP B 367 -0.24 -26.57 26.46
N ARG B 368 -1.14 -25.58 26.52
CA ARG B 368 -2.51 -25.79 27.05
C ARG B 368 -3.48 -24.82 26.40
N PRO B 369 -4.79 -25.16 26.34
CA PRO B 369 -5.80 -24.30 25.72
C PRO B 369 -6.26 -23.24 26.71
N TRP B 370 -5.36 -22.28 26.99
CA TRP B 370 -5.54 -21.28 28.07
C TRP B 370 -6.85 -20.50 27.88
N TRP B 371 -7.34 -20.39 26.65
CA TRP B 371 -8.55 -19.60 26.33
C TRP B 371 -9.82 -20.30 26.85
N THR B 372 -9.72 -21.59 27.25
CA THR B 372 -10.83 -22.35 27.87
C THR B 372 -10.76 -22.31 29.40
N ASP B 373 -9.78 -21.64 30.01
CA ASP B 373 -9.69 -21.60 31.49
C ASP B 373 -10.97 -20.99 32.09
N ALA B 374 -11.40 -21.45 33.27
CA ALA B 374 -12.66 -21.02 33.92
C ALA B 374 -12.66 -19.54 34.32
N ASP B 375 -11.50 -18.98 34.61
CA ASP B 375 -11.36 -17.60 35.09
C ASP B 375 -11.10 -16.67 33.90
N VAL B 376 -11.08 -17.19 32.66
CA VAL B 376 -11.00 -16.26 31.48
C VAL B 376 -12.31 -15.48 31.43
N PRO B 377 -12.30 -14.14 31.62
CA PRO B 377 -13.54 -13.35 31.71
C PRO B 377 -14.38 -13.51 30.43
N TYR B 378 -13.73 -13.46 29.26
CA TYR B 378 -14.44 -13.48 27.96
C TYR B 378 -13.90 -14.60 27.10
N PRO B 379 -14.19 -15.87 27.40
CA PRO B 379 -13.70 -16.98 26.58
C PRO B 379 -14.43 -17.00 25.26
N PRO B 380 -13.79 -17.51 24.18
CA PRO B 380 -14.52 -17.73 22.93
C PRO B 380 -15.57 -18.82 23.22
N ASP B 381 -16.80 -18.67 22.68
CA ASP B 381 -17.92 -19.65 22.81
C ASP B 381 -17.74 -20.75 21.75
N LEU B 382 -16.83 -21.69 21.99
CA LEU B 382 -16.48 -22.72 20.99
C LEU B 382 -17.23 -24.04 21.26
N THR B 383 -17.97 -24.14 22.36
CA THR B 383 -18.57 -25.43 22.79
C THR B 383 -19.86 -25.71 22.03
N SER B 384 -19.91 -26.92 21.46
CA SER B 384 -21.07 -27.47 20.72
C SER B 384 -21.52 -28.74 21.44
N ASP B 385 -22.83 -29.02 21.49
CA ASP B 385 -23.38 -30.13 22.32
C ASP B 385 -22.91 -31.47 21.73
N GLY B 386 -23.37 -31.81 20.53
CA GLY B 386 -23.16 -33.12 19.87
C GLY B 386 -21.75 -33.25 19.31
N ALA B 387 -21.45 -32.56 18.20
CA ALA B 387 -20.13 -32.64 17.51
C ALA B 387 -19.12 -31.74 18.21
N PRO B 388 -17.82 -31.81 17.84
CA PRO B 388 -16.75 -31.14 18.59
C PRO B 388 -16.80 -29.61 18.70
N ASN B 389 -15.82 -29.07 19.44
CA ASN B 389 -15.56 -27.61 19.65
C ASN B 389 -15.38 -26.90 18.30
N THR B 390 -15.93 -25.68 18.17
CA THR B 390 -15.74 -24.83 16.96
C THR B 390 -14.36 -24.16 17.04
N PHE B 391 -13.93 -23.52 15.96
CA PHE B 391 -12.58 -22.93 15.80
C PHE B 391 -12.65 -21.41 16.06
N GLY B 392 -13.83 -20.90 16.36
CA GLY B 392 -14.08 -19.45 16.53
C GLY B 392 -14.79 -18.94 15.28
N PRO B 393 -14.52 -17.72 14.76
CA PRO B 393 -13.47 -16.83 15.29
C PRO B 393 -13.93 -15.97 16.47
N THR B 394 -12.97 -15.21 16.99
CA THR B 394 -13.15 -13.95 17.72
C THR B 394 -12.82 -12.82 16.75
N ILE B 395 -13.58 -11.73 16.82
CA ILE B 395 -13.58 -10.64 15.81
C ILE B 395 -13.36 -9.32 16.53
N THR B 396 -12.44 -8.50 16.04
CA THR B 396 -12.05 -7.28 16.78
C THR B 396 -11.83 -6.10 15.84
N ASP B 397 -11.81 -4.91 16.45
CA ASP B 397 -11.43 -3.64 15.76
C ASP B 397 -9.94 -3.32 15.97
N LEU B 398 -9.12 -4.29 16.32
CA LEU B 398 -7.68 -4.10 16.57
C LEU B 398 -6.93 -4.39 15.29
N PRO B 399 -5.64 -4.06 15.23
CA PRO B 399 -4.76 -4.64 14.23
C PRO B 399 -4.89 -6.16 14.14
N LEU B 400 -4.96 -6.84 15.30
CA LEU B 400 -5.25 -8.29 15.31
C LEU B 400 -6.75 -8.43 15.10
N ARG B 401 -7.15 -8.60 13.82
CA ARG B 401 -8.54 -8.44 13.31
C ARG B 401 -9.40 -9.63 13.73
N GLN B 402 -8.80 -10.81 13.72
CA GLN B 402 -9.53 -12.09 13.91
C GLN B 402 -8.61 -13.13 14.51
N VAL B 403 -9.19 -14.00 15.37
CA VAL B 403 -8.48 -15.12 16.01
C VAL B 403 -9.25 -16.40 15.74
N TYR B 404 -8.55 -17.45 15.39
CA TYR B 404 -9.09 -18.81 15.32
C TYR B 404 -8.29 -19.69 16.29
N TYR B 405 -9.00 -20.63 16.89
CA TYR B 405 -8.52 -21.54 17.97
C TYR B 405 -8.62 -22.95 17.43
N PHE B 406 -7.52 -23.44 16.89
CA PHE B 406 -7.47 -24.82 16.32
C PHE B 406 -7.24 -25.81 17.42
N GLY B 407 -6.65 -25.38 18.54
CA GLY B 407 -6.26 -26.29 19.63
C GLY B 407 -5.53 -27.52 19.11
N ASN B 408 -5.83 -28.68 19.68
CA ASN B 408 -5.14 -29.95 19.30
C ASN B 408 -5.88 -30.58 18.12
N ASN B 409 -5.35 -30.42 16.92
CA ASN B 409 -5.99 -30.98 15.70
C ASN B 409 -5.13 -32.14 15.22
N SER B 410 -4.24 -32.65 16.06
CA SER B 410 -3.31 -33.79 15.78
C SER B 410 -4.13 -35.08 15.72
N ASP B 411 -3.53 -36.22 15.37
CA ASP B 411 -4.22 -37.53 15.54
C ASP B 411 -4.33 -37.81 17.05
N GLY B 412 -3.61 -37.07 17.88
CA GLY B 412 -3.61 -37.23 19.34
C GLY B 412 -2.36 -37.96 19.81
N THR B 413 -1.51 -38.42 18.88
CA THR B 413 -0.33 -39.30 19.18
C THR B 413 0.82 -38.47 19.76
N ALA B 414 1.10 -37.27 19.22
CA ALA B 414 2.23 -36.42 19.65
C ALA B 414 1.90 -35.72 20.98
N ASN B 415 2.89 -35.05 21.57
CA ASN B 415 2.68 -34.27 22.81
C ASN B 415 1.70 -33.15 22.47
N PRO B 416 0.59 -32.99 23.21
CA PRO B 416 -0.53 -32.14 22.81
C PRO B 416 -0.10 -30.68 22.89
N VAL B 417 -0.13 -30.02 21.73
CA VAL B 417 -0.01 -28.54 21.68
C VAL B 417 -1.32 -28.06 21.03
N TYR B 418 -1.65 -26.81 21.34
CA TYR B 418 -2.96 -26.17 21.05
C TYR B 418 -2.67 -24.92 20.25
N GLY B 419 -3.16 -24.86 19.03
CA GLY B 419 -2.77 -23.83 18.06
C GLY B 419 -3.77 -22.69 18.01
N VAL B 420 -3.21 -21.48 17.83
CA VAL B 420 -3.99 -20.24 17.62
C VAL B 420 -3.46 -19.55 16.37
N LEU B 421 -4.38 -19.08 15.54
CA LEU B 421 -4.08 -18.32 14.31
C LEU B 421 -4.55 -16.87 14.56
N ALA B 422 -3.61 -15.94 14.48
CA ALA B 422 -3.87 -14.49 14.62
C ALA B 422 -3.79 -13.84 13.23
N SER B 423 -4.87 -13.18 12.82
CA SER B 423 -4.97 -12.55 11.48
C SER B 423 -4.79 -11.04 11.53
N TYR B 424 -3.85 -10.56 10.72
CA TYR B 424 -3.60 -9.13 10.43
C TYR B 424 -3.85 -8.95 8.93
N ASP B 425 -4.67 -7.98 8.59
CA ASP B 425 -5.05 -7.72 7.18
C ASP B 425 -5.17 -6.23 6.89
N ASP B 426 -5.13 -5.92 5.61
CA ASP B 426 -5.59 -4.64 5.00
C ASP B 426 -4.45 -3.64 4.91
N MET B 427 -4.54 -2.80 3.90
CA MET B 427 -3.57 -1.72 3.62
C MET B 427 -3.40 -0.86 4.87
N GLN B 428 -4.45 -0.70 5.67
CA GLN B 428 -4.38 0.12 6.90
C GLN B 428 -3.21 -0.36 7.77
N TYR B 429 -3.04 -1.70 7.89
CA TYR B 429 -2.21 -2.27 8.94
C TYR B 429 -0.90 -2.82 8.41
N VAL B 430 -0.62 -2.82 7.11
CA VAL B 430 0.63 -3.52 6.67
C VAL B 430 1.86 -2.88 7.34
N GLN B 431 1.93 -1.56 7.45
CA GLN B 431 3.10 -0.89 8.04
C GLN B 431 3.17 -1.18 9.53
N PHE B 432 2.03 -1.39 10.17
CA PHE B 432 2.01 -1.71 11.60
C PHE B 432 2.69 -3.05 11.81
N TRP B 433 2.31 -4.08 11.07
CA TRP B 433 2.84 -5.43 11.37
C TRP B 433 4.27 -5.61 10.87
N GLN B 434 4.68 -4.87 9.83
CA GLN B 434 6.00 -5.15 9.23
C GLN B 434 7.13 -4.90 10.23
N GLU B 435 7.02 -3.92 11.13
CA GLU B 435 8.18 -3.57 11.98
C GLU B 435 8.26 -4.57 13.13
N LEU B 436 7.25 -5.40 13.30
CA LEU B 436 7.31 -6.46 14.32
C LEU B 436 8.12 -7.65 13.79
N GLU B 437 8.50 -7.63 12.53
CA GLU B 437 9.17 -8.77 11.85
C GLU B 437 10.70 -8.79 12.10
N ILE B 438 11.23 -7.76 12.72
CA ILE B 438 12.69 -7.60 12.95
C ILE B 438 12.85 -7.47 14.47
N ASP B 439 13.87 -8.08 15.02
CA ASP B 439 14.13 -8.08 16.48
C ASP B 439 14.34 -6.63 16.93
N VAL B 440 13.92 -6.33 18.15
CA VAL B 440 14.01 -4.94 18.67
C VAL B 440 15.48 -4.53 18.91
N GLY B 441 16.38 -5.50 18.92
CA GLY B 441 17.81 -5.23 19.08
C GLY B 441 18.51 -5.11 17.74
N GLU B 442 17.80 -5.30 16.62
CA GLU B 442 18.45 -5.40 15.31
C GLU B 442 17.96 -4.32 14.35
N ARG B 443 18.81 -4.04 13.39
CA ARG B 443 18.45 -3.22 12.21
C ARG B 443 17.93 -4.14 11.13
N ARG B 444 17.21 -3.56 10.15
CA ARG B 444 16.78 -4.33 8.97
C ARG B 444 18.03 -4.69 8.17
N LYS B 445 18.04 -5.90 7.60
CA LYS B 445 19.23 -6.44 6.88
C LYS B 445 18.90 -6.80 5.43
N VAL B 446 17.65 -7.09 5.11
CA VAL B 446 17.22 -7.50 3.76
C VAL B 446 16.28 -6.44 3.23
N PRO B 447 16.55 -5.89 2.02
CA PRO B 447 15.60 -4.95 1.43
C PRO B 447 14.21 -5.60 1.37
N ILE B 448 13.17 -4.83 1.66
CA ILE B 448 11.82 -5.38 1.89
C ILE B 448 11.36 -6.13 0.64
N ASP B 449 11.59 -5.55 -0.54
CA ASP B 449 11.14 -6.13 -1.82
C ASP B 449 11.92 -7.39 -2.20
N GLN B 450 12.98 -7.76 -1.47
CA GLN B 450 13.83 -8.93 -1.77
C GLN B 450 13.76 -9.93 -0.61
N ASP B 451 12.84 -9.74 0.30
CA ASP B 451 12.66 -10.68 1.44
C ASP B 451 11.54 -11.66 1.04
N TYR B 452 11.91 -12.81 0.50
CA TYR B 452 10.90 -13.78 -0.03
C TYR B 452 10.51 -14.74 1.10
N GLN B 453 10.02 -14.22 2.19
CA GLN B 453 9.80 -14.95 3.45
C GLN B 453 8.81 -16.10 3.26
N VAL B 454 7.63 -15.87 2.66
CA VAL B 454 6.60 -16.94 2.58
C VAL B 454 7.11 -18.02 1.62
N LEU B 455 7.85 -17.63 0.61
CA LEU B 455 8.40 -18.60 -0.38
C LEU B 455 9.27 -19.61 0.39
N PHE B 456 10.05 -19.11 1.35
CA PHE B 456 10.99 -19.97 2.12
C PHE B 456 10.21 -20.79 3.16
N GLY B 457 9.27 -20.20 3.90
CA GLY B 457 8.52 -20.91 4.95
C GLY B 457 8.24 -19.98 6.12
N PRO B 458 7.29 -20.35 7.01
CA PRO B 458 6.93 -19.47 8.14
C PRO B 458 8.20 -19.13 8.92
N ARG B 459 8.35 -17.85 9.26
CA ARG B 459 9.57 -17.32 9.91
C ARG B 459 9.33 -17.24 11.41
N LYS B 460 10.36 -17.56 12.19
CA LYS B 460 10.25 -17.49 13.66
C LYS B 460 9.72 -16.10 14.07
N ALA B 461 8.67 -16.08 14.89
CA ALA B 461 8.16 -14.81 15.45
C ALA B 461 9.18 -14.21 16.40
N THR B 462 9.39 -12.91 16.26
CA THR B 462 10.26 -12.13 17.18
C THR B 462 9.59 -12.04 18.54
N ASP B 463 10.43 -11.79 19.57
CA ASP B 463 9.90 -11.60 20.93
C ASP B 463 8.88 -10.44 20.93
N THR B 464 9.12 -9.40 20.18
CA THR B 464 8.25 -8.21 20.09
C THR B 464 6.90 -8.66 19.48
N MET B 465 6.96 -9.47 18.42
CA MET B 465 5.75 -9.91 17.72
C MET B 465 4.94 -10.80 18.65
N ILE B 466 5.57 -11.73 19.39
CA ILE B 466 4.84 -12.61 20.32
C ILE B 466 4.18 -11.75 21.39
N ARG B 467 4.92 -10.81 21.95
CA ARG B 467 4.40 -9.99 23.06
C ARG B 467 3.24 -9.13 22.57
N MET B 468 3.32 -8.60 21.34
CA MET B 468 2.21 -7.83 20.78
C MET B 468 0.96 -8.70 20.64
N VAL B 469 1.11 -9.93 20.11
CA VAL B 469 -0.05 -10.83 19.97
C VAL B 469 -0.63 -11.13 21.37
N LEU B 470 0.24 -11.44 22.34
CA LEU B 470 -0.29 -11.80 23.66
C LEU B 470 -0.96 -10.58 24.30
N LEU B 471 -0.43 -9.38 24.10
CA LEU B 471 -1.08 -8.14 24.64
C LEU B 471 -2.46 -8.03 24.01
N GLU B 472 -2.55 -8.20 22.69
CA GLU B 472 -3.86 -8.09 22.04
C GLU B 472 -4.82 -9.17 22.58
N LEU B 473 -4.38 -10.43 22.65
CA LEU B 473 -5.23 -11.54 23.16
C LEU B 473 -5.62 -11.28 24.61
N ALA B 474 -4.80 -10.59 25.38
CA ALA B 474 -5.15 -10.25 26.78
C ALA B 474 -6.30 -9.25 26.79
N LYS B 475 -6.26 -8.25 25.92
CA LYS B 475 -7.33 -7.23 25.86
C LYS B 475 -8.60 -7.94 25.41
N VAL B 476 -8.48 -8.84 24.43
CA VAL B 476 -9.66 -9.55 23.87
C VAL B 476 -10.28 -10.40 24.99
N HIS B 477 -9.49 -11.24 25.67
CA HIS B 477 -10.05 -12.32 26.52
C HIS B 477 -10.19 -11.89 27.99
N TRP B 478 -9.52 -10.84 28.42
CA TRP B 478 -9.56 -10.37 29.85
C TRP B 478 -10.03 -8.92 29.93
N GLY B 479 -9.82 -8.12 28.88
CA GLY B 479 -10.08 -6.67 28.90
C GLY B 479 -9.08 -5.95 29.78
N ASP B 480 -7.93 -6.56 30.01
CA ASP B 480 -6.87 -6.01 30.87
C ASP B 480 -5.53 -6.27 30.18
N PRO B 481 -4.82 -5.26 29.61
CA PRO B 481 -3.55 -5.52 28.94
C PRO B 481 -2.54 -6.21 29.89
N ASN B 482 -2.63 -5.97 31.19
CA ASN B 482 -1.73 -6.59 32.20
C ASN B 482 -2.00 -8.10 32.32
N ALA B 483 -3.13 -8.62 31.84
CA ALA B 483 -3.41 -10.07 31.84
C ALA B 483 -2.56 -10.82 30.82
N ALA B 484 -1.78 -10.14 29.96
CA ALA B 484 -0.84 -10.81 29.04
C ALA B 484 0.11 -11.72 29.83
N HIS B 485 0.45 -11.32 31.05
CA HIS B 485 1.32 -12.14 31.95
C HIS B 485 0.63 -13.45 32.31
N GLN B 486 -0.70 -13.56 32.19
CA GLN B 486 -1.48 -14.79 32.50
C GLN B 486 -1.35 -15.81 31.37
N ILE B 487 -1.06 -15.36 30.15
CA ILE B 487 -1.01 -16.26 28.96
C ILE B 487 0.33 -16.97 28.98
N PRO B 488 0.37 -18.31 28.90
CA PRO B 488 1.63 -19.04 28.85
C PRO B 488 2.38 -18.73 27.53
N TRP B 489 3.69 -18.67 27.62
CA TRP B 489 4.52 -18.33 26.45
C TRP B 489 4.36 -19.44 25.42
N PRO B 490 4.20 -19.13 24.13
CA PRO B 490 4.03 -20.20 23.16
C PRO B 490 5.27 -21.07 23.09
N VAL B 491 5.05 -22.36 22.81
CA VAL B 491 6.18 -23.32 22.63
C VAL B 491 6.76 -23.14 21.24
N GLU B 492 5.97 -22.58 20.32
CA GLU B 492 6.45 -22.25 18.97
C GLU B 492 5.58 -21.08 18.45
N ALA B 493 6.21 -20.12 17.81
CA ALA B 493 5.45 -19.02 17.18
C ALA B 493 6.14 -18.64 15.88
N ILE B 494 5.39 -18.57 14.79
CA ILE B 494 5.94 -18.27 13.45
C ILE B 494 4.93 -17.40 12.69
N PHE B 495 5.39 -16.80 11.62
CA PHE B 495 4.47 -15.97 10.84
C PHE B 495 4.72 -16.11 9.34
N ASN B 496 3.69 -15.72 8.60
CA ASN B 496 3.70 -15.57 7.14
C ASN B 496 3.18 -14.18 6.77
N ASP B 497 4.02 -13.38 6.13
CA ASP B 497 3.64 -12.04 5.64
C ASP B 497 3.43 -12.12 4.11
N PHE B 498 2.20 -12.28 3.68
CA PHE B 498 1.85 -12.43 2.25
C PHE B 498 2.03 -11.13 1.46
N SER B 499 2.18 -9.99 2.13
CA SER B 499 2.44 -8.75 1.36
C SER B 499 3.81 -8.79 0.69
N LEU B 500 4.73 -9.62 1.14
CA LEU B 500 6.11 -9.63 0.61
C LEU B 500 6.13 -10.34 -0.74
N ASN B 501 7.07 -9.93 -1.57
CA ASN B 501 7.27 -10.63 -2.84
C ASN B 501 7.58 -12.09 -2.57
N PRO B 502 7.27 -13.02 -3.50
CA PRO B 502 6.70 -12.72 -4.84
C PRO B 502 5.16 -12.68 -4.82
N PHE B 503 4.54 -12.89 -3.68
CA PHE B 503 3.07 -12.93 -3.55
C PHE B 503 2.48 -11.54 -3.64
N GLY B 504 2.96 -10.60 -2.83
CA GLY B 504 2.54 -9.19 -2.90
C GLY B 504 1.11 -8.97 -2.50
N ALA B 505 0.47 -9.95 -1.90
CA ALA B 505 -0.96 -9.91 -1.54
C ALA B 505 -1.32 -11.19 -0.81
N GLY B 506 -2.15 -11.12 0.20
CA GLY B 506 -2.93 -12.29 0.62
C GLY B 506 -4.01 -12.66 -0.39
N TYR B 507 -4.74 -11.65 -0.84
CA TYR B 507 -5.96 -11.78 -1.67
C TYR B 507 -5.94 -10.75 -2.78
N HIS B 508 -6.63 -11.10 -3.86
CA HIS B 508 -6.97 -10.22 -4.99
C HIS B 508 -8.49 -10.10 -5.04
N ALA B 509 -8.96 -8.93 -5.45
CA ALA B 509 -10.41 -8.62 -5.54
C ALA B 509 -10.64 -7.86 -6.84
N TRP B 510 -11.63 -8.26 -7.61
CA TRP B 510 -11.97 -7.50 -8.85
C TRP B 510 -12.07 -6.00 -8.56
N ALA B 511 -11.49 -5.16 -9.43
CA ALA B 511 -11.51 -3.69 -9.26
C ALA B 511 -12.79 -3.10 -9.87
N ALA B 512 -13.21 -1.98 -9.32
CA ALA B 512 -14.19 -1.08 -9.96
C ALA B 512 -13.62 -0.60 -11.29
N HIS B 513 -14.50 -0.17 -12.21
CA HIS B 513 -14.15 0.41 -13.52
C HIS B 513 -13.57 -0.66 -14.43
N TYR B 514 -13.98 -1.92 -14.24
CA TYR B 514 -13.62 -3.03 -15.13
C TYR B 514 -14.89 -3.82 -15.42
N ASP B 515 -14.90 -4.36 -16.63
CA ASP B 515 -15.86 -5.38 -17.09
C ASP B 515 -15.29 -6.72 -16.69
N ILE B 516 -15.63 -7.20 -15.50
CA ILE B 516 -14.97 -8.39 -14.90
C ILE B 516 -14.99 -9.57 -15.88
N CYS B 517 -16.11 -9.83 -16.52
CA CYS B 517 -16.16 -11.04 -17.38
C CYS B 517 -15.14 -10.91 -18.51
N ASP B 518 -15.00 -9.70 -19.03
CA ASP B 518 -14.10 -9.52 -20.19
C ASP B 518 -12.66 -9.75 -19.73
N VAL B 519 -12.32 -9.31 -18.52
CA VAL B 519 -10.94 -9.57 -18.02
C VAL B 519 -10.78 -11.07 -17.80
N MET B 520 -11.73 -11.69 -17.11
CA MET B 520 -11.59 -13.13 -16.78
C MET B 520 -11.39 -13.88 -18.10
N GLN B 521 -12.19 -13.57 -19.12
CA GLN B 521 -12.11 -14.29 -20.40
C GLN B 521 -10.81 -13.97 -21.11
N ARG B 522 -10.44 -12.69 -21.22
CA ARG B 522 -9.40 -12.33 -22.21
C ARG B 522 -7.98 -12.28 -21.65
N ILE B 523 -7.81 -12.14 -20.34
CA ILE B 523 -6.44 -12.03 -19.76
C ILE B 523 -5.77 -13.40 -19.83
N ARG B 524 -6.57 -14.45 -19.89
CA ARG B 524 -5.97 -15.83 -19.84
C ARG B 524 -5.02 -16.06 -21.02
N GLN B 525 -5.31 -15.53 -22.20
CA GLN B 525 -4.41 -15.66 -23.36
C GLN B 525 -4.09 -14.24 -23.83
N PRO B 526 -3.06 -13.62 -23.25
CA PRO B 526 -2.88 -12.18 -23.40
C PRO B 526 -2.57 -11.73 -24.83
N THR B 527 -2.21 -12.63 -25.76
CA THR B 527 -2.07 -12.21 -27.18
C THR B 527 -3.40 -11.65 -27.68
N GLY B 528 -4.54 -12.08 -27.14
CA GLY B 528 -5.84 -11.57 -27.58
C GLY B 528 -6.07 -10.14 -27.19
N LEU B 529 -5.22 -9.59 -26.30
CA LEU B 529 -5.30 -8.18 -25.85
C LEU B 529 -4.38 -7.27 -26.66
N VAL B 530 -3.74 -7.80 -27.68
CA VAL B 530 -2.74 -7.05 -28.52
C VAL B 530 -3.30 -7.08 -29.94
N PRO B 531 -3.90 -5.97 -30.42
CA PRO B 531 -4.44 -5.94 -31.78
C PRO B 531 -3.37 -6.35 -32.80
N GLY B 532 -3.71 -7.31 -33.65
CA GLY B 532 -2.84 -7.76 -34.75
C GLY B 532 -1.86 -8.84 -34.35
N ALA B 533 -1.74 -9.19 -33.07
CA ALA B 533 -0.72 -10.14 -32.63
C ALA B 533 -1.10 -11.55 -33.10
N THR B 534 -0.09 -12.33 -33.43
CA THR B 534 -0.22 -13.80 -33.67
C THR B 534 -0.66 -14.48 -32.37
N ALA B 535 -1.72 -15.29 -32.38
CA ALA B 535 -2.06 -16.09 -31.19
C ALA B 535 -0.83 -16.90 -30.74
N ALA B 536 -0.61 -16.98 -29.42
CA ALA B 536 0.38 -17.88 -28.81
C ALA B 536 -0.23 -18.60 -27.62
N ASN B 537 0.19 -19.83 -27.37
CA ASN B 537 -0.28 -20.60 -26.18
C ASN B 537 0.58 -20.14 -25.00
N LEU B 538 0.44 -18.86 -24.65
CA LEU B 538 0.95 -18.30 -23.38
C LEU B 538 -0.26 -17.90 -22.56
N PHE B 539 -0.37 -18.41 -21.34
CA PHE B 539 -1.59 -18.26 -20.52
C PHE B 539 -1.23 -17.71 -19.16
N ILE B 540 -2.13 -16.91 -18.64
CA ILE B 540 -2.11 -16.47 -17.23
C ILE B 540 -3.22 -17.24 -16.49
N ILE B 541 -2.84 -17.95 -15.44
CA ILE B 541 -3.82 -18.71 -14.61
C ILE B 541 -3.52 -18.52 -13.13
N GLY B 542 -4.48 -18.87 -12.31
CA GLY B 542 -4.40 -18.68 -10.85
C GLY B 542 -5.65 -18.10 -10.27
N GLU B 543 -5.74 -17.96 -8.96
CA GLU B 543 -6.97 -17.43 -8.34
C GLU B 543 -7.20 -15.95 -8.67
N ALA B 544 -6.16 -15.20 -9.02
CA ALA B 544 -6.30 -13.71 -9.01
C ALA B 544 -7.34 -13.23 -9.99
N TYR B 545 -7.39 -13.80 -11.18
CA TYR B 545 -8.32 -13.34 -12.24
C TYR B 545 -9.41 -14.42 -12.44
N SER B 546 -9.75 -15.10 -11.36
CA SER B 546 -10.84 -16.10 -11.31
C SER B 546 -12.16 -15.50 -10.82
N ASN B 547 -13.23 -16.32 -10.80
CA ASN B 547 -14.54 -15.99 -10.21
C ASN B 547 -14.62 -16.53 -8.77
N ASP B 548 -13.50 -16.99 -8.23
CA ASP B 548 -13.45 -17.57 -6.86
C ASP B 548 -12.16 -17.11 -6.18
N GLN B 549 -12.00 -15.80 -6.10
CA GLN B 549 -10.76 -15.20 -5.57
C GLN B 549 -10.67 -15.59 -4.12
N ALA B 550 -9.46 -15.66 -3.61
CA ALA B 550 -9.28 -16.14 -2.21
C ALA B 550 -9.70 -17.61 -1.99
N TRP B 551 -9.98 -18.38 -3.02
CA TRP B 551 -10.09 -19.85 -2.87
C TRP B 551 -9.18 -20.55 -3.86
N VAL B 552 -8.60 -21.67 -3.47
CA VAL B 552 -8.02 -22.66 -4.38
C VAL B 552 -8.95 -22.94 -5.56
N GLU B 553 -10.26 -22.99 -5.30
CA GLU B 553 -11.25 -23.19 -6.38
C GLU B 553 -10.94 -22.27 -7.56
N GLY B 554 -10.57 -21.03 -7.32
CA GLY B 554 -10.36 -20.11 -8.44
C GLY B 554 -9.13 -20.44 -9.23
N ALA B 555 -8.06 -20.91 -8.57
CA ALA B 555 -6.84 -21.35 -9.23
C ALA B 555 -7.19 -22.56 -10.12
N PHE B 556 -7.97 -23.48 -9.62
CA PHE B 556 -8.35 -24.69 -10.38
C PHE B 556 -9.25 -24.26 -11.57
N CYS B 557 -10.25 -23.43 -11.32
CA CYS B 557 -11.20 -23.00 -12.39
C CYS B 557 -10.49 -22.28 -13.53
N THR B 558 -9.57 -21.35 -13.29
CA THR B 558 -8.94 -20.62 -14.44
C THR B 558 -8.10 -21.65 -15.18
N ALA B 559 -7.37 -22.51 -14.48
CA ALA B 559 -6.53 -23.55 -15.12
C ALA B 559 -7.43 -24.49 -15.94
N GLU B 560 -8.49 -25.00 -15.35
CA GLU B 560 -9.49 -25.85 -16.11
C GLU B 560 -9.99 -25.10 -17.36
N SER B 561 -10.32 -23.82 -17.24
CA SER B 561 -10.99 -23.06 -18.34
C SER B 561 -10.01 -22.94 -19.50
N VAL B 562 -8.73 -22.80 -19.18
CA VAL B 562 -7.67 -22.72 -20.22
C VAL B 562 -7.53 -24.08 -20.93
N LEU B 563 -7.52 -25.17 -20.16
CA LEU B 563 -7.41 -26.53 -20.78
C LEU B 563 -8.62 -26.79 -21.70
N VAL B 564 -9.81 -26.46 -21.24
CA VAL B 564 -11.05 -26.53 -22.08
C VAL B 564 -10.89 -25.64 -23.33
N ASP B 565 -10.65 -24.37 -23.16
CA ASP B 565 -10.90 -23.38 -24.24
C ASP B 565 -9.77 -23.39 -25.24
N TYR B 566 -8.55 -23.67 -24.80
CA TYR B 566 -7.35 -23.49 -25.64
C TYR B 566 -6.69 -24.84 -25.93
N TYR B 567 -7.11 -25.93 -25.25
CA TYR B 567 -6.55 -27.29 -25.46
C TYR B 567 -7.69 -28.25 -25.82
N GLY B 568 -8.92 -27.77 -25.88
CA GLY B 568 -10.12 -28.58 -26.22
C GLY B 568 -10.32 -29.73 -25.27
N MET B 569 -9.82 -29.66 -24.05
CA MET B 569 -10.00 -30.79 -23.12
C MET B 569 -11.43 -30.88 -22.66
N THR B 570 -11.84 -32.10 -22.28
CA THR B 570 -13.16 -32.36 -21.69
C THR B 570 -13.08 -32.06 -20.19
N THR B 571 -13.91 -31.15 -19.70
CA THR B 571 -13.85 -30.75 -18.26
C THR B 571 -14.24 -31.95 -17.40
N ILE B 572 -13.65 -32.08 -16.23
CA ILE B 572 -14.13 -33.01 -15.17
C ILE B 572 -15.34 -32.44 -14.41
N ALA B 573 -15.63 -31.13 -14.50
CA ALA B 573 -16.77 -30.49 -13.81
C ALA B 573 -18.06 -30.77 -14.55
N ASP B 574 -19.16 -30.73 -13.82
CA ASP B 574 -20.47 -30.45 -14.42
C ASP B 574 -20.57 -28.93 -14.50
N THR B 575 -20.46 -28.35 -15.69
CA THR B 575 -20.52 -26.86 -15.83
C THR B 575 -21.92 -26.41 -16.23
N THR B 576 -22.92 -27.30 -16.29
CA THR B 576 -24.34 -26.97 -16.55
C THR B 576 -24.75 -25.69 -15.82
N ASN B 577 -24.54 -25.64 -14.51
CA ASN B 577 -24.95 -24.53 -13.61
C ASN B 577 -23.72 -23.92 -12.94
N TYR B 578 -22.56 -24.24 -13.47
CA TYR B 578 -21.27 -23.88 -12.82
C TYR B 578 -20.28 -23.43 -13.88
N PRO B 579 -20.41 -22.21 -14.40
CA PRO B 579 -19.39 -21.71 -15.32
C PRO B 579 -18.05 -21.58 -14.59
N LEU B 580 -17.00 -22.11 -15.18
CA LEU B 580 -15.65 -22.18 -14.55
C LEU B 580 -15.22 -20.74 -14.31
N ILE B 581 -15.40 -19.91 -15.34
CA ILE B 581 -15.30 -18.44 -15.24
C ILE B 581 -16.57 -17.85 -15.88
N CYS B 582 -16.80 -16.57 -15.69
CA CYS B 582 -17.98 -15.90 -16.27
C CYS B 582 -17.85 -15.85 -17.79
N ALA B 583 -18.93 -16.09 -18.49
CA ALA B 583 -19.05 -15.85 -19.94
C ALA B 583 -19.61 -14.43 -20.09
N CYS B 584 -19.22 -13.70 -21.13
CA CYS B 584 -19.87 -12.40 -21.35
C CYS B 584 -21.01 -12.66 -22.36
#